data_3MAW
#
_entry.id   3MAW
#
_cell.length_a   83.253
_cell.length_b   83.253
_cell.length_c   461.406
_cell.angle_alpha   90.00
_cell.angle_beta   90.00
_cell.angle_gamma   120.00
#
_symmetry.space_group_name_H-M   'H 3'
#
loop_
_entity.id
_entity.type
_entity.pdbx_description
1 polymer 'Fusion glycoprotein F0'
2 branched 2-acetamido-2-deoxy-beta-D-glucopyranose-(1-4)-2-acetamido-2-deoxy-beta-D-glucopyranose
3 non-polymer 2-acetamido-2-deoxy-alpha-D-glucopyranose
#
_entity_poly.entity_id   1
_entity_poly.type   'polypeptide(L)'
_entity_poly.pdbx_seq_one_letter_code
;LDGRPLAAAGIVVTGDKAVNIYTSSQTGSIIVKLLPNMPKDKEACAKAPLEAYNRTLTTLLTPLGDSIRRIQESVTTSGG
GGQGRFIGAIIGSVALGVATAAQITAASALIQANQNAANILRLKESITATNEAVHEVTDGLSQLAVAVGKMQQFVNDQFN
NTAQELDCIKITQQVGVELNLYLTELTTVFGPQITSPALTQLTIQALYNLAGGNMDYLLTKLGVGNNQLSSLIGSGLITG
NPILYDSQTQLLGIQVTLPSVGNLNNMRATYLETLSVSTTKGFASALVPKVVTQVGSVIEELDTSYCIETDLDLYCTRIV
TFPMSPGIYSCLNGNTSACMYSKTEGALTTPYMTLKGSVIANCKMTTCRCADPPGIISQNYGEAVSLIDRHSCNVLSLDG
ITLRLSGEFDATYQKNISILDSQVIVTGNLDISTELGNVNNSISNALDKLEESNSKLDKVNVKLTSTSGGPLVPRGSHHH
HHH
;
_entity_poly.pdbx_strand_id   A,B
#
loop_
_chem_comp.id
_chem_comp.type
_chem_comp.name
_chem_comp.formula
NAG D-saccharide, beta linking 2-acetamido-2-deoxy-beta-D-glucopyranose 'C8 H15 N O6'
NDG D-saccharide, alpha linking 2-acetamido-2-deoxy-alpha-D-glucopyranose 'C8 H15 N O6'
#
# COMPACT_ATOMS: atom_id res chain seq x y z
N GLY A 3 23.24 -51.61 16.98
CA GLY A 3 21.99 -52.34 17.13
C GLY A 3 21.35 -52.14 18.49
N ARG A 4 20.66 -53.18 18.96
CA ARG A 4 19.96 -53.12 20.25
C ARG A 4 20.34 -54.25 21.21
N PRO A 5 20.72 -55.42 20.68
CA PRO A 5 21.08 -56.54 21.58
C PRO A 5 22.36 -56.28 22.37
N LEU A 6 23.11 -55.25 22.00
CA LEU A 6 24.34 -54.93 22.71
C LEU A 6 24.02 -54.35 24.09
N ALA A 7 22.77 -53.98 24.29
CA ALA A 7 22.32 -53.44 25.58
C ALA A 7 22.03 -54.57 26.57
N ALA A 8 22.43 -55.79 26.19
CA ALA A 8 22.26 -56.96 27.04
C ALA A 8 23.56 -57.29 27.76
N ALA A 9 24.55 -56.40 27.63
CA ALA A 9 25.85 -56.59 28.28
C ALA A 9 26.27 -55.33 29.04
N GLY A 10 25.33 -54.40 29.21
CA GLY A 10 25.61 -53.16 29.91
C GLY A 10 26.10 -52.07 29.00
N ILE A 11 26.13 -52.35 27.69
CA ILE A 11 26.59 -51.38 26.71
C ILE A 11 25.40 -50.64 26.08
N VAL A 12 25.39 -49.32 26.23
CA VAL A 12 24.29 -48.51 25.69
C VAL A 12 24.78 -47.42 24.76
N VAL A 13 24.12 -47.28 23.62
CA VAL A 13 24.45 -46.23 22.65
C VAL A 13 23.87 -44.90 23.13
N THR A 14 24.74 -43.93 23.39
CA THR A 14 24.30 -42.63 23.88
C THR A 14 24.20 -41.62 22.74
N GLY A 15 25.17 -41.63 21.84
CA GLY A 15 25.22 -40.67 20.76
C GLY A 15 25.26 -41.31 19.38
N ASP A 16 24.73 -40.60 18.39
CA ASP A 16 24.76 -41.07 17.01
C ASP A 16 24.69 -39.87 16.06
N LYS A 17 25.84 -39.49 15.52
CA LYS A 17 25.92 -38.31 14.65
C LYS A 17 26.71 -38.60 13.37
N ALA A 18 26.51 -37.73 12.38
CA ALA A 18 27.21 -37.88 11.10
C ALA A 18 28.61 -37.27 11.17
N VAL A 19 29.50 -37.77 10.31
CA VAL A 19 30.87 -37.30 10.29
C VAL A 19 31.09 -36.27 9.17
N ASN A 20 31.81 -35.20 9.49
CA ASN A 20 32.06 -34.13 8.53
C ASN A 20 33.49 -33.63 8.58
N ILE A 21 33.98 -33.18 7.42
CA ILE A 21 35.32 -32.59 7.34
C ILE A 21 35.20 -31.12 6.95
N TYR A 22 35.78 -30.24 7.74
CA TYR A 22 35.62 -28.80 7.50
C TYR A 22 36.95 -28.08 7.37
N THR A 23 36.89 -26.86 6.83
CA THR A 23 38.07 -26.01 6.71
C THR A 23 37.65 -24.55 6.63
N SER A 24 38.32 -23.70 7.40
CA SER A 24 38.00 -22.28 7.43
C SER A 24 38.58 -21.54 6.22
N SER A 25 38.11 -21.90 5.03
CA SER A 25 38.64 -21.32 3.80
C SER A 25 37.59 -20.50 3.05
N GLN A 26 36.78 -19.76 3.79
CA GLN A 26 35.76 -18.91 3.20
C GLN A 26 35.70 -17.58 3.94
N THR A 27 36.09 -16.50 3.27
CA THR A 27 36.12 -15.19 3.91
C THR A 27 35.07 -14.24 3.32
N GLY A 28 34.53 -13.38 4.19
CA GLY A 28 33.55 -12.41 3.78
C GLY A 28 33.76 -11.07 4.45
N SER A 29 33.02 -10.05 4.03
CA SER A 29 33.16 -8.71 4.58
C SER A 29 31.83 -7.97 4.60
N ILE A 30 31.18 -7.94 5.76
CA ILE A 30 29.94 -7.20 5.93
C ILE A 30 30.22 -5.77 6.35
N ILE A 31 29.80 -4.82 5.53
CA ILE A 31 29.98 -3.41 5.82
C ILE A 31 28.67 -2.78 6.27
N VAL A 32 28.61 -2.38 7.54
CA VAL A 32 27.38 -1.87 8.13
C VAL A 32 27.32 -0.34 8.13
N LYS A 33 26.23 0.21 7.59
CA LYS A 33 26.03 1.64 7.58
C LYS A 33 25.23 2.09 8.80
N LEU A 34 25.94 2.51 9.84
CA LEU A 34 25.30 2.92 11.10
C LEU A 34 24.29 4.03 10.90
N LEU A 35 24.61 4.99 10.02
CA LEU A 35 23.71 6.07 9.70
C LEU A 35 22.82 5.71 8.53
N PRO A 36 21.50 5.58 8.78
CA PRO A 36 20.52 5.20 7.76
C PRO A 36 20.41 6.23 6.64
N ASN A 37 19.73 5.85 5.57
CA ASN A 37 19.56 6.75 4.43
C ASN A 37 18.44 7.75 4.65
N MET A 38 18.82 9.01 4.91
CA MET A 38 17.85 10.07 5.17
C MET A 38 17.06 10.42 3.91
N PRO A 39 15.81 10.91 4.10
CA PRO A 39 14.93 11.29 2.99
C PRO A 39 15.60 12.26 2.03
N LYS A 40 15.17 12.24 0.78
CA LYS A 40 15.73 13.13 -0.25
C LYS A 40 15.41 14.59 0.04
N ASP A 41 14.33 14.82 0.77
CA ASP A 41 13.93 16.18 1.14
C ASP A 41 15.05 16.90 1.87
N LYS A 42 15.91 16.13 2.54
CA LYS A 42 17.07 16.67 3.24
C LYS A 42 16.68 17.78 4.22
N GLU A 43 15.51 17.65 4.83
CA GLU A 43 15.03 18.65 5.78
C GLU A 43 15.86 18.62 7.05
N ALA A 44 16.16 19.79 7.60
CA ALA A 44 16.91 19.89 8.84
C ALA A 44 15.98 19.83 10.04
N CYS A 45 14.83 19.19 9.85
CA CYS A 45 13.84 19.06 10.92
C CYS A 45 14.08 17.79 11.72
N ALA A 46 14.85 16.87 11.14
CA ALA A 46 15.22 15.63 11.82
C ALA A 46 16.65 15.72 12.32
N LYS A 47 17.19 16.93 12.34
CA LYS A 47 18.55 17.18 12.79
C LYS A 47 18.68 17.00 14.29
N ALA A 48 17.55 16.96 14.99
CA ALA A 48 17.55 16.83 16.45
C ALA A 48 17.68 15.38 16.92
N PRO A 49 16.82 14.49 16.41
CA PRO A 49 16.91 13.07 16.81
C PRO A 49 18.23 12.45 16.36
N LEU A 50 18.70 12.84 15.18
CA LEU A 50 19.92 12.29 14.62
C LEU A 50 21.16 12.77 15.38
N GLU A 51 21.14 14.05 15.77
CA GLU A 51 22.26 14.63 16.50
C GLU A 51 22.58 13.81 17.75
N ALA A 52 21.54 13.30 18.39
CA ALA A 52 21.69 12.49 19.60
C ALA A 52 22.03 11.04 19.27
N TYR A 53 21.44 10.54 18.18
CA TYR A 53 21.69 9.17 17.75
C TYR A 53 23.14 8.98 17.33
N ASN A 54 23.65 9.88 16.50
CA ASN A 54 25.04 9.85 16.07
C ASN A 54 25.99 9.97 17.25
N ARG A 55 25.53 10.65 18.31
CA ARG A 55 26.34 10.90 19.50
C ARG A 55 26.45 9.64 20.37
N THR A 56 25.37 8.87 20.44
CA THR A 56 25.37 7.65 21.22
C THR A 56 26.06 6.51 20.48
N LEU A 57 26.34 6.72 19.19
CA LEU A 57 27.09 5.75 18.41
C LEU A 57 28.58 5.86 18.69
N THR A 58 29.07 7.10 18.76
CA THR A 58 30.47 7.35 19.09
C THR A 58 30.75 6.94 20.52
N THR A 59 29.73 7.04 21.37
CA THR A 59 29.85 6.68 22.78
C THR A 59 29.79 5.16 22.94
N LEU A 60 29.44 4.47 21.85
CA LEU A 60 29.21 3.03 21.90
C LEU A 60 30.21 2.26 21.03
N LEU A 61 30.80 2.94 20.06
CA LEU A 61 31.69 2.29 19.10
C LEU A 61 33.15 2.64 19.29
N THR A 62 33.43 3.81 19.85
CA THR A 62 34.80 4.26 20.07
C THR A 62 35.65 3.22 20.81
N PRO A 63 35.12 2.66 21.90
CA PRO A 63 35.85 1.60 22.62
C PRO A 63 36.19 0.43 21.70
N LEU A 64 35.25 0.05 20.84
CA LEU A 64 35.48 -1.03 19.88
C LEU A 64 36.57 -0.66 18.89
N GLY A 65 36.44 0.52 18.29
CA GLY A 65 37.42 1.01 17.33
C GLY A 65 38.78 1.22 17.97
N ASP A 66 38.77 1.52 19.26
CA ASP A 66 40.02 1.71 20.01
C ASP A 66 40.81 0.42 20.09
N SER A 67 40.12 -0.69 20.37
CA SER A 67 40.77 -1.99 20.50
C SER A 67 41.12 -2.59 19.15
N ILE A 68 41.05 -1.76 18.11
CA ILE A 68 41.43 -2.19 16.77
C ILE A 68 42.53 -1.29 16.22
N ARG A 69 42.39 0.00 16.50
CA ARG A 69 43.38 0.99 16.07
C ARG A 69 44.74 0.71 16.70
N ARG A 70 44.73 0.01 17.83
CA ARG A 70 45.97 -0.31 18.55
C ARG A 70 46.27 -1.80 18.55
N ILE A 71 45.75 -2.51 17.55
CA ILE A 71 46.03 -3.94 17.39
C ILE A 71 46.36 -4.28 15.94
N ASN A 114 -37.02 87.31 13.93
CA ASN A 114 -38.30 87.04 14.59
C ASN A 114 -38.17 86.00 15.69
N GLN A 115 -39.31 85.48 16.13
CA GLN A 115 -39.33 84.46 17.17
C GLN A 115 -38.99 83.09 16.58
N ASN A 116 -39.52 82.82 15.39
CA ASN A 116 -39.26 81.56 14.72
C ASN A 116 -37.86 81.56 14.10
N ALA A 117 -37.28 82.75 13.96
CA ALA A 117 -35.94 82.88 13.43
C ALA A 117 -34.95 82.20 14.36
N ALA A 118 -35.28 82.16 15.64
CA ALA A 118 -34.45 81.48 16.63
C ALA A 118 -34.59 79.98 16.50
N ASN A 119 -35.68 79.55 15.85
CA ASN A 119 -35.92 78.13 15.63
C ASN A 119 -35.16 77.61 14.41
N ILE A 120 -35.12 78.42 13.35
CA ILE A 120 -34.38 78.05 12.14
C ILE A 120 -32.89 78.01 12.44
N LEU A 121 -32.47 78.71 13.50
CA LEU A 121 -31.09 78.70 13.93
C LEU A 121 -30.85 77.58 14.93
N ARG A 122 -31.86 77.30 15.75
CA ARG A 122 -31.79 76.22 16.72
C ARG A 122 -31.71 74.86 16.00
N LEU A 123 -32.40 74.76 14.88
CA LEU A 123 -32.37 73.55 14.07
C LEU A 123 -30.98 73.35 13.43
N LYS A 124 -30.34 74.45 13.07
CA LYS A 124 -28.99 74.40 12.52
C LYS A 124 -28.01 73.85 13.56
N GLU A 125 -28.08 74.40 14.77
CA GLU A 125 -27.20 73.97 15.85
C GLU A 125 -27.55 72.57 16.34
N SER A 126 -28.66 72.03 15.85
CA SER A 126 -29.10 70.69 16.20
C SER A 126 -28.53 69.65 15.25
N ILE A 127 -28.47 69.98 13.97
CA ILE A 127 -27.96 69.05 12.97
C ILE A 127 -26.46 69.25 12.73
N THR A 128 -25.95 70.42 13.07
CA THR A 128 -24.51 70.67 13.00
C THR A 128 -23.83 69.96 14.15
N ALA A 129 -24.60 69.66 15.19
CA ALA A 129 -24.09 68.91 16.34
C ALA A 129 -24.38 67.43 16.15
N THR A 130 -25.41 67.12 15.38
CA THR A 130 -25.74 65.74 15.06
C THR A 130 -24.68 65.15 14.14
N ASN A 131 -24.28 65.93 13.14
CA ASN A 131 -23.18 65.54 12.26
C ASN A 131 -21.87 65.43 13.04
N GLU A 132 -21.77 66.23 14.11
CA GLU A 132 -20.62 66.19 14.99
C GLU A 132 -20.55 64.85 15.70
N ALA A 133 -21.71 64.24 15.90
CA ALA A 133 -21.80 62.95 16.59
C ALA A 133 -21.66 61.79 15.62
N VAL A 134 -21.87 62.07 14.33
CA VAL A 134 -21.73 61.05 13.30
C VAL A 134 -20.27 60.96 12.85
N HIS A 135 -19.59 62.09 12.81
CA HIS A 135 -18.18 62.13 12.41
C HIS A 135 -17.30 61.35 13.37
N GLU A 136 -17.72 61.30 14.63
CA GLU A 136 -16.97 60.57 15.65
C GLU A 136 -17.21 59.07 15.56
N VAL A 137 -18.46 58.69 15.32
CA VAL A 137 -18.80 57.29 15.11
C VAL A 137 -18.04 56.74 13.92
N THR A 138 -17.76 57.62 12.96
CA THR A 138 -16.99 57.25 11.78
C THR A 138 -15.53 56.98 12.14
N ASP A 139 -14.97 57.82 13.03
CA ASP A 139 -13.60 57.64 13.48
C ASP A 139 -13.46 56.38 14.32
N GLY A 140 -14.49 56.07 15.10
CA GLY A 140 -14.50 54.88 15.93
C GLY A 140 -14.60 53.62 15.09
N LEU A 141 -15.20 53.75 13.91
CA LEU A 141 -15.35 52.63 12.99
C LEU A 141 -14.10 52.48 12.12
N SER A 142 -13.57 53.61 11.67
CA SER A 142 -12.39 53.60 10.80
C SER A 142 -11.13 53.20 11.56
N GLN A 143 -11.24 53.12 12.89
CA GLN A 143 -10.12 52.72 13.72
C GLN A 143 -10.34 51.32 14.29
N LEU A 144 -11.60 50.92 14.39
CA LEU A 144 -11.95 49.57 14.81
C LEU A 144 -11.77 48.60 13.64
N ALA A 145 -12.02 49.09 12.44
CA ALA A 145 -11.84 48.30 11.23
C ALA A 145 -10.35 47.98 11.04
N VAL A 146 -9.51 48.79 11.67
CA VAL A 146 -8.07 48.57 11.65
C VAL A 146 -7.68 47.56 12.72
N ALA A 147 -8.33 47.67 13.88
CA ALA A 147 -8.08 46.75 14.99
C ALA A 147 -8.47 45.32 14.61
N VAL A 148 -9.44 45.20 13.71
CA VAL A 148 -9.89 43.89 13.24
C VAL A 148 -9.01 43.41 12.09
N GLY A 149 -8.64 44.32 11.20
CA GLY A 149 -7.76 44.00 10.10
C GLY A 149 -6.38 43.60 10.59
N LYS A 150 -5.92 44.28 11.64
CA LYS A 150 -4.63 43.98 12.24
C LYS A 150 -4.66 42.63 12.94
N MET A 151 -5.83 42.27 13.47
CA MET A 151 -6.01 41.00 14.14
C MET A 151 -6.18 39.86 13.12
N GLN A 152 -6.54 40.23 11.90
CA GLN A 152 -6.67 39.24 10.82
C GLN A 152 -5.33 38.60 10.52
N GLN A 153 -4.37 39.41 10.08
CA GLN A 153 -3.05 38.91 9.71
C GLN A 153 -2.25 38.43 10.92
N PHE A 154 -2.79 38.64 12.11
CA PHE A 154 -2.15 38.16 13.32
C PHE A 154 -2.44 36.67 13.53
N VAL A 155 -3.70 36.37 13.82
CA VAL A 155 -4.13 34.98 14.00
C VAL A 155 -3.83 34.16 12.75
N ASN A 156 -3.77 34.84 11.61
CA ASN A 156 -3.43 34.20 10.35
C ASN A 156 -1.96 33.83 10.32
N ASP A 157 -1.10 34.74 10.77
CA ASP A 157 0.33 34.50 10.84
C ASP A 157 0.72 33.80 12.14
N GLN A 158 -0.28 33.29 12.85
CA GLN A 158 -0.04 32.53 14.08
C GLN A 158 -0.55 31.09 13.93
N PHE A 159 -1.59 30.92 13.13
CA PHE A 159 -2.04 29.58 12.75
C PHE A 159 -1.16 29.04 11.63
N ASN A 160 -0.82 29.92 10.69
CA ASN A 160 0.11 29.57 9.62
C ASN A 160 1.51 29.42 10.20
N ASN A 161 1.71 30.01 11.37
CA ASN A 161 2.98 29.90 12.10
C ASN A 161 3.00 28.61 12.91
N THR A 162 1.84 27.99 13.05
CA THR A 162 1.71 26.73 13.77
C THR A 162 1.65 25.57 12.78
N ALA A 163 1.17 25.86 11.57
CA ALA A 163 1.07 24.86 10.51
C ALA A 163 2.45 24.31 10.15
N GLN A 164 3.48 25.12 10.41
CA GLN A 164 4.85 24.70 10.13
C GLN A 164 5.53 24.18 11.40
N GLU A 165 4.89 24.40 12.54
CA GLU A 165 5.37 23.88 13.81
C GLU A 165 4.98 22.42 13.98
N LEU A 166 3.68 22.15 13.96
CA LEU A 166 3.18 20.79 14.07
C LEU A 166 3.75 19.91 12.96
N ASP A 167 3.94 20.48 11.79
CA ASP A 167 4.51 19.76 10.67
C ASP A 167 5.89 19.21 11.00
N CYS A 168 6.68 20.00 11.74
CA CYS A 168 8.03 19.60 12.13
C CYS A 168 8.02 18.53 13.23
N ILE A 169 7.13 18.69 14.19
CA ILE A 169 7.02 17.75 15.30
C ILE A 169 6.71 16.33 14.80
N LYS A 170 5.80 16.24 13.83
CA LYS A 170 5.43 14.95 13.25
C LYS A 170 6.62 14.28 12.57
N ILE A 171 7.41 15.08 11.86
CA ILE A 171 8.61 14.58 11.20
C ILE A 171 9.63 14.14 12.24
N THR A 172 9.93 15.03 13.18
CA THR A 172 10.88 14.72 14.25
C THR A 172 10.47 13.47 15.01
N GLN A 173 9.17 13.35 15.29
CA GLN A 173 8.65 12.19 16.00
C GLN A 173 8.93 10.90 15.24
N GLN A 174 8.48 10.84 13.99
CA GLN A 174 8.67 9.65 13.16
C GLN A 174 10.14 9.26 13.10
N VAL A 175 11.01 10.25 12.87
CA VAL A 175 12.44 10.00 12.79
C VAL A 175 13.00 9.49 14.10
N GLY A 176 12.59 10.11 15.21
CA GLY A 176 13.06 9.71 16.52
C GLY A 176 12.78 8.26 16.83
N VAL A 177 11.61 7.79 16.42
CA VAL A 177 11.22 6.40 16.66
C VAL A 177 11.90 5.46 15.67
N GLU A 178 11.87 5.84 14.39
CA GLU A 178 12.48 5.03 13.34
C GLU A 178 13.97 4.86 13.56
N LEU A 179 14.60 5.87 14.16
CA LEU A 179 16.04 5.86 14.37
C LEU A 179 16.42 5.03 15.59
N ASN A 180 15.54 5.02 16.60
CA ASN A 180 15.73 4.18 17.78
C ASN A 180 15.61 2.70 17.44
N LEU A 181 14.68 2.38 16.55
CA LEU A 181 14.47 1.01 16.12
C LEU A 181 15.71 0.43 15.47
N TYR A 182 16.49 1.28 14.82
CA TYR A 182 17.69 0.83 14.12
C TYR A 182 18.84 0.54 15.08
N LEU A 183 18.98 1.38 16.11
CA LEU A 183 20.04 1.19 17.09
C LEU A 183 19.78 -0.04 17.95
N THR A 184 18.51 -0.32 18.21
CA THR A 184 18.13 -1.51 18.97
C THR A 184 18.10 -2.73 18.04
N GLU A 185 18.31 -2.49 16.76
CA GLU A 185 18.35 -3.55 15.77
C GLU A 185 19.77 -4.01 15.49
N LEU A 186 20.71 -3.07 15.53
CA LEU A 186 22.12 -3.36 15.28
C LEU A 186 22.79 -4.04 16.48
N THR A 187 22.42 -3.59 17.68
CA THR A 187 22.98 -4.18 18.89
C THR A 187 22.47 -5.60 19.09
N THR A 188 21.60 -6.04 18.19
CA THR A 188 21.05 -7.38 18.24
C THR A 188 21.62 -8.24 17.11
N VAL A 189 21.71 -7.66 15.92
CA VAL A 189 22.23 -8.36 14.76
C VAL A 189 23.76 -8.45 14.79
N PHE A 190 24.39 -7.35 15.19
CA PHE A 190 25.85 -7.30 15.25
C PHE A 190 26.35 -7.03 16.67
N GLY A 191 25.52 -7.38 17.65
CA GLY A 191 25.90 -7.26 19.04
C GLY A 191 27.21 -7.94 19.36
N PRO A 192 27.30 -9.25 19.10
CA PRO A 192 28.51 -10.03 19.36
C PRO A 192 29.78 -9.37 18.84
N GLN A 193 29.69 -8.73 17.67
CA GLN A 193 30.85 -8.08 17.06
C GLN A 193 31.16 -6.73 17.70
N ILE A 194 30.12 -6.01 18.12
CA ILE A 194 30.30 -4.72 18.77
C ILE A 194 30.83 -4.88 20.19
N THR A 195 30.44 -5.98 20.83
CA THR A 195 30.78 -6.21 22.23
C THR A 195 32.17 -6.82 22.41
N SER A 196 32.77 -7.30 21.33
CA SER A 196 34.07 -7.95 21.40
C SER A 196 34.86 -7.80 20.10
N PRO A 197 36.18 -7.58 20.22
CA PRO A 197 37.07 -7.44 19.07
C PRO A 197 37.39 -8.80 18.45
N ALA A 198 37.71 -9.77 19.30
CA ALA A 198 38.06 -11.11 18.82
C ALA A 198 36.88 -11.80 18.14
N LEU A 199 37.13 -12.99 17.60
CA LEU A 199 36.10 -13.74 16.89
C LEU A 199 34.89 -14.02 17.76
N THR A 200 33.71 -13.84 17.19
CA THR A 200 32.46 -14.10 17.89
C THR A 200 31.44 -14.73 16.94
N GLN A 201 30.69 -15.70 17.44
CA GLN A 201 29.68 -16.39 16.63
C GLN A 201 28.69 -15.40 16.05
N LEU A 202 28.59 -15.37 14.72
CA LEU A 202 27.69 -14.45 14.03
C LEU A 202 26.23 -14.65 14.42
N THR A 203 25.39 -13.71 13.97
CA THR A 203 23.96 -13.78 14.21
C THR A 203 23.26 -14.25 12.93
N ILE A 204 22.17 -14.97 13.09
CA ILE A 204 21.41 -15.46 11.95
C ILE A 204 21.15 -14.32 10.97
N GLN A 205 20.70 -13.19 11.51
CA GLN A 205 20.42 -12.01 10.71
C GLN A 205 21.68 -11.54 9.98
N ALA A 206 22.80 -11.52 10.69
CA ALA A 206 24.07 -11.11 10.10
C ALA A 206 24.44 -12.01 8.92
N LEU A 207 24.22 -13.31 9.09
CA LEU A 207 24.51 -14.29 8.04
C LEU A 207 23.46 -14.19 6.94
N TYR A 208 22.20 -14.02 7.33
CA TYR A 208 21.11 -13.89 6.38
C TYR A 208 21.36 -12.72 5.44
N ASN A 209 21.87 -11.62 6.00
CA ASN A 209 22.22 -10.45 5.22
C ASN A 209 23.43 -10.70 4.32
N LEU A 210 24.34 -11.54 4.81
CA LEU A 210 25.55 -11.87 4.06
C LEU A 210 25.20 -12.62 2.76
N ALA A 211 24.29 -13.58 2.87
CA ALA A 211 23.86 -14.37 1.72
C ALA A 211 22.90 -13.59 0.83
N GLY A 212 22.59 -12.35 1.24
CA GLY A 212 21.68 -11.51 0.49
C GLY A 212 20.28 -12.07 0.42
N GLY A 213 19.94 -12.91 1.39
CA GLY A 213 18.63 -13.53 1.43
C GLY A 213 18.65 -14.96 0.93
N ASN A 214 19.20 -15.15 -0.27
CA ASN A 214 19.30 -16.49 -0.85
C ASN A 214 20.20 -17.38 -0.01
N MET A 215 19.59 -18.13 0.90
CA MET A 215 20.34 -18.96 1.83
C MET A 215 20.73 -20.31 1.22
N ASP A 216 19.79 -20.92 0.49
CA ASP A 216 20.02 -22.21 -0.12
C ASP A 216 21.24 -22.21 -1.04
N TYR A 217 21.58 -21.03 -1.56
CA TYR A 217 22.76 -20.90 -2.42
C TYR A 217 24.03 -20.86 -1.59
N LEU A 218 23.99 -20.10 -0.49
CA LEU A 218 25.15 -19.97 0.39
C LEU A 218 25.59 -21.33 0.94
N LEU A 219 24.63 -22.10 1.44
CA LEU A 219 24.91 -23.41 2.02
C LEU A 219 25.54 -24.35 0.99
N THR A 220 25.03 -24.32 -0.23
CA THR A 220 25.54 -25.18 -1.29
C THR A 220 27.01 -24.91 -1.58
N LYS A 221 27.40 -23.64 -1.52
CA LYS A 221 28.77 -23.24 -1.79
C LYS A 221 29.72 -23.74 -0.69
N LEU A 222 29.16 -24.02 0.48
CA LEU A 222 29.94 -24.49 1.61
C LEU A 222 29.81 -26.00 1.79
N GLY A 223 28.81 -26.59 1.14
CA GLY A 223 28.55 -28.01 1.24
C GLY A 223 27.75 -28.36 2.48
N VAL A 224 26.74 -27.54 2.77
CA VAL A 224 25.90 -27.75 3.95
C VAL A 224 24.44 -27.99 3.54
N GLY A 225 23.86 -29.05 4.09
CA GLY A 225 22.47 -29.37 3.82
C GLY A 225 21.52 -28.50 4.61
N ASN A 226 20.24 -28.53 4.24
CA ASN A 226 19.24 -27.75 4.94
C ASN A 226 19.08 -28.15 6.40
N ASN A 227 18.98 -29.46 6.64
CA ASN A 227 18.83 -29.99 7.99
C ASN A 227 20.16 -30.14 8.70
N GLN A 228 21.02 -29.13 8.55
CA GLN A 228 22.36 -29.16 9.14
C GLN A 228 22.81 -27.76 9.53
N LEU A 229 21.95 -26.78 9.32
CA LEU A 229 22.27 -25.39 9.64
C LEU A 229 22.26 -25.14 11.15
N SER A 230 21.30 -25.74 11.83
CA SER A 230 21.17 -25.57 13.28
C SER A 230 22.48 -25.93 13.99
N SER A 231 23.11 -27.01 13.54
CA SER A 231 24.36 -27.47 14.15
C SER A 231 25.55 -26.70 13.60
N LEU A 232 25.44 -26.24 12.36
CA LEU A 232 26.51 -25.50 11.72
C LEU A 232 26.80 -24.19 12.42
N ILE A 233 25.74 -23.46 12.78
CA ILE A 233 25.89 -22.19 13.47
C ILE A 233 26.30 -22.39 14.92
N GLY A 234 25.78 -23.47 15.53
CA GLY A 234 26.09 -23.78 16.90
C GLY A 234 27.37 -24.59 17.04
N SER A 235 28.40 -24.19 16.31
CA SER A 235 29.69 -24.86 16.37
C SER A 235 30.82 -23.85 16.49
N GLY A 236 30.50 -22.58 16.28
CA GLY A 236 31.48 -21.52 16.38
C GLY A 236 32.40 -21.46 15.16
N LEU A 237 31.95 -22.05 14.06
CA LEU A 237 32.70 -22.00 12.82
C LEU A 237 32.23 -20.83 11.96
N ILE A 238 31.12 -20.22 12.36
CA ILE A 238 30.60 -19.04 11.69
C ILE A 238 30.92 -17.80 12.51
N THR A 239 32.19 -17.45 12.55
CA THR A 239 32.65 -16.34 13.39
C THR A 239 32.85 -15.06 12.57
N GLY A 240 33.01 -13.95 13.27
CA GLY A 240 33.24 -12.66 12.64
C GLY A 240 33.89 -11.69 13.60
N ASN A 241 34.68 -10.76 13.06
CA ASN A 241 35.39 -9.79 13.87
C ASN A 241 35.58 -8.47 13.15
N PRO A 242 35.32 -7.35 13.86
CA PRO A 242 35.49 -6.00 13.30
C PRO A 242 36.90 -5.79 12.78
N ILE A 243 37.05 -5.02 11.70
CA ILE A 243 38.35 -4.79 11.08
C ILE A 243 38.64 -3.31 10.88
N LEU A 244 37.64 -2.55 10.45
CA LEU A 244 37.81 -1.12 10.21
C LEU A 244 36.56 -0.33 10.57
N TYR A 245 36.72 0.66 11.45
CA TYR A 245 35.62 1.49 11.89
C TYR A 245 35.94 2.98 11.72
N ASP A 246 35.07 3.69 11.01
CA ASP A 246 35.25 5.13 10.79
C ASP A 246 34.36 5.94 11.71
N SER A 247 34.98 6.81 12.51
CA SER A 247 34.24 7.62 13.47
C SER A 247 33.38 8.67 12.77
N GLN A 248 33.87 9.20 11.65
CA GLN A 248 33.16 10.24 10.92
C GLN A 248 31.92 9.69 10.21
N THR A 249 32.15 8.80 9.25
CA THR A 249 31.06 8.25 8.44
C THR A 249 30.16 7.32 9.27
N GLN A 250 30.69 6.84 10.39
CA GLN A 250 29.97 5.85 11.19
C GLN A 250 29.74 4.59 10.37
N LEU A 251 30.82 4.05 9.82
CA LEU A 251 30.74 2.88 8.95
C LEU A 251 31.56 1.73 9.52
N LEU A 252 30.88 0.71 10.01
CA LEU A 252 31.55 -0.44 10.62
C LEU A 252 31.86 -1.52 9.59
N GLY A 253 33.06 -2.09 9.70
CA GLY A 253 33.47 -3.15 8.80
C GLY A 253 33.81 -4.42 9.55
N ILE A 254 33.22 -5.54 9.14
CA ILE A 254 33.42 -6.81 9.82
C ILE A 254 33.96 -7.88 8.87
N GLN A 255 34.92 -8.66 9.36
CA GLN A 255 35.49 -9.75 8.58
C GLN A 255 34.84 -11.08 8.95
N VAL A 256 34.15 -11.68 7.99
CA VAL A 256 33.46 -12.94 8.21
C VAL A 256 34.32 -14.13 7.79
N THR A 257 34.19 -15.24 8.53
CA THR A 257 34.90 -16.46 8.19
C THR A 257 33.97 -17.66 8.24
N LEU A 258 33.78 -18.31 7.10
CA LEU A 258 32.89 -19.46 7.00
C LEU A 258 33.67 -20.73 6.66
N PRO A 259 33.16 -21.88 7.10
CA PRO A 259 33.81 -23.18 6.86
C PRO A 259 33.30 -23.86 5.59
N SER A 260 34.14 -24.71 5.01
CA SER A 260 33.75 -25.53 3.88
C SER A 260 33.71 -26.99 4.30
N VAL A 261 32.51 -27.54 4.46
CA VAL A 261 32.35 -28.88 4.99
C VAL A 261 32.01 -29.91 3.92
N GLY A 262 32.58 -31.10 4.05
CA GLY A 262 32.30 -32.19 3.14
C GLY A 262 31.75 -33.40 3.88
N ASN A 263 30.44 -33.62 3.74
CA ASN A 263 29.77 -34.72 4.43
C ASN A 263 30.31 -36.09 4.03
N LEU A 264 30.36 -37.00 5.00
CA LEU A 264 30.80 -38.36 4.74
C LEU A 264 29.67 -39.36 5.01
N ASN A 265 29.14 -39.96 3.95
CA ASN A 265 28.05 -40.91 4.09
C ASN A 265 28.55 -42.33 4.41
N ASN A 266 27.63 -43.17 4.86
CA ASN A 266 27.96 -44.53 5.27
C ASN A 266 28.87 -44.56 6.49
N MET A 267 29.36 -43.38 6.89
CA MET A 267 30.19 -43.26 8.09
C MET A 267 29.49 -42.44 9.16
N ARG A 268 29.18 -43.08 10.28
CA ARG A 268 28.53 -42.41 11.40
C ARG A 268 29.21 -42.74 12.72
N ALA A 269 29.62 -41.70 13.45
CA ALA A 269 30.25 -41.87 14.75
C ALA A 269 29.19 -42.24 15.80
N THR A 270 29.53 -43.20 16.65
CA THR A 270 28.61 -43.65 17.69
C THR A 270 29.28 -43.61 19.06
N TYR A 271 28.64 -42.91 20.00
CA TYR A 271 29.15 -42.79 21.36
C TYR A 271 28.65 -43.94 22.24
N LEU A 272 29.59 -44.61 22.92
CA LEU A 272 29.25 -45.76 23.73
C LEU A 272 29.70 -45.62 25.19
N GLU A 273 28.80 -45.92 26.10
CA GLU A 273 29.12 -45.97 27.53
C GLU A 273 28.67 -47.30 28.11
N THR A 274 29.19 -47.63 29.30
CA THR A 274 28.92 -48.92 29.89
C THR A 274 28.57 -48.82 31.37
N LEU A 275 27.71 -49.71 31.85
CA LEU A 275 27.38 -49.79 33.26
C LEU A 275 27.88 -51.10 33.84
N SER A 276 27.64 -51.30 35.13
CA SER A 276 28.10 -52.51 35.82
C SER A 276 27.05 -53.61 35.82
N VAL A 277 27.45 -54.80 35.36
CA VAL A 277 26.56 -55.95 35.33
C VAL A 277 27.31 -57.20 35.81
N SER A 278 26.64 -58.00 36.64
CA SER A 278 27.24 -59.23 37.17
C SER A 278 27.55 -60.21 36.03
N THR A 279 28.74 -60.79 36.08
CA THR A 279 29.16 -61.72 35.04
C THR A 279 29.89 -62.93 35.65
N THR A 280 30.61 -63.66 34.81
CA THR A 280 31.39 -64.80 35.25
C THR A 280 32.28 -64.41 36.42
N LYS A 281 32.91 -63.24 36.31
CA LYS A 281 33.73 -62.70 37.39
C LYS A 281 32.86 -62.35 38.59
N GLY A 282 31.89 -61.46 38.36
CA GLY A 282 30.99 -61.00 39.39
C GLY A 282 31.07 -59.50 39.58
N PHE A 283 29.98 -58.81 39.25
CA PHE A 283 29.93 -57.35 39.36
C PHE A 283 31.05 -56.70 38.57
N ALA A 284 30.94 -56.72 37.24
CA ALA A 284 31.96 -56.15 36.37
C ALA A 284 31.34 -55.22 35.32
N SER A 285 32.19 -54.60 34.52
CA SER A 285 31.73 -53.70 33.46
C SER A 285 32.30 -54.09 32.11
N ALA A 286 31.48 -53.96 31.06
CA ALA A 286 31.90 -54.32 29.71
C ALA A 286 32.99 -53.37 29.21
N LEU A 287 33.91 -53.90 28.42
CA LEU A 287 35.02 -53.11 27.90
C LEU A 287 34.82 -52.71 26.44
N VAL A 288 34.43 -51.46 26.22
CA VAL A 288 34.24 -50.93 24.86
C VAL A 288 34.68 -49.47 24.79
N PRO A 289 35.23 -49.07 23.63
CA PRO A 289 35.67 -47.69 23.39
C PRO A 289 34.56 -46.68 23.62
N LYS A 290 34.91 -45.40 23.66
CA LYS A 290 33.92 -44.35 23.90
C LYS A 290 33.28 -43.84 22.60
N VAL A 291 34.09 -43.71 21.57
CA VAL A 291 33.61 -43.25 20.27
C VAL A 291 34.13 -44.14 19.14
N VAL A 292 33.22 -44.59 18.29
CA VAL A 292 33.59 -45.45 17.16
C VAL A 292 32.96 -44.98 15.86
N THR A 293 33.66 -45.23 14.75
CA THR A 293 33.15 -44.87 13.43
C THR A 293 33.09 -46.11 12.54
N GLN A 294 31.98 -46.30 11.85
CA GLN A 294 31.78 -47.49 11.02
C GLN A 294 31.60 -47.15 9.54
N VAL A 295 32.24 -47.94 8.68
CA VAL A 295 32.07 -47.83 7.24
C VAL A 295 31.89 -49.21 6.64
N GLY A 296 30.66 -49.52 6.24
CA GLY A 296 30.35 -50.83 5.70
C GLY A 296 30.52 -51.91 6.74
N SER A 297 31.62 -52.65 6.66
CA SER A 297 31.91 -53.71 7.62
C SER A 297 33.20 -53.43 8.38
N VAL A 298 33.63 -52.18 8.35
CA VAL A 298 34.85 -51.77 9.03
C VAL A 298 34.54 -50.87 10.23
N ILE A 299 34.83 -51.36 11.42
CA ILE A 299 34.58 -50.59 12.65
C ILE A 299 35.87 -50.32 13.41
N GLU A 300 36.13 -49.05 13.68
CA GLU A 300 37.33 -48.65 14.41
C GLU A 300 37.05 -47.51 15.38
N GLU A 301 37.91 -47.36 16.39
CA GLU A 301 37.74 -46.29 17.38
C GLU A 301 38.08 -44.94 16.77
N LEU A 302 37.26 -43.94 17.07
CA LEU A 302 37.43 -42.61 16.52
C LEU A 302 38.01 -41.63 17.53
N ASP A 303 39.09 -40.96 17.14
CA ASP A 303 39.69 -39.92 17.97
C ASP A 303 38.96 -38.60 17.76
N THR A 304 38.18 -38.19 18.75
CA THR A 304 37.37 -36.98 18.63
C THR A 304 38.09 -35.73 19.11
N SER A 305 39.41 -35.79 19.15
CA SER A 305 40.22 -34.65 19.58
C SER A 305 40.38 -33.61 18.48
N TYR A 306 40.28 -34.06 17.23
CA TYR A 306 40.45 -33.18 16.08
C TYR A 306 39.12 -32.65 15.59
N CYS A 307 38.05 -32.95 16.33
CA CYS A 307 36.69 -32.65 15.85
C CYS A 307 35.85 -31.83 16.83
N ILE A 308 34.96 -31.02 16.27
CA ILE A 308 33.98 -30.29 17.05
C ILE A 308 32.64 -31.00 16.99
N GLU A 309 32.11 -31.40 18.13
CA GLU A 309 30.87 -32.18 18.17
C GLU A 309 29.65 -31.31 18.42
N THR A 310 28.50 -31.77 17.93
CA THR A 310 27.24 -31.07 18.14
C THR A 310 26.17 -32.06 18.60
N ASP A 311 24.91 -31.73 18.36
CA ASP A 311 23.80 -32.59 18.79
C ASP A 311 23.56 -33.72 17.80
N LEU A 312 23.96 -33.50 16.54
CA LEU A 312 23.75 -34.50 15.51
C LEU A 312 24.79 -34.40 14.39
N ASP A 313 25.81 -33.56 14.61
CA ASP A 313 26.84 -33.38 13.59
C ASP A 313 28.23 -33.15 14.21
N LEU A 314 29.23 -33.85 13.67
CA LEU A 314 30.61 -33.68 14.09
C LEU A 314 31.45 -33.11 12.95
N TYR A 315 31.94 -31.88 13.13
CA TYR A 315 32.79 -31.25 12.13
C TYR A 315 34.26 -31.41 12.52
N CYS A 316 34.98 -32.22 11.74
CA CYS A 316 36.35 -32.58 12.10
C CYS A 316 37.39 -31.97 11.17
N THR A 317 38.53 -31.60 11.75
CA THR A 317 39.67 -31.10 10.99
C THR A 317 40.39 -32.26 10.31
N ARG A 318 40.23 -33.44 10.90
CA ARG A 318 40.95 -34.63 10.46
C ARG A 318 40.28 -35.87 11.05
N ILE A 319 40.60 -37.04 10.51
CA ILE A 319 40.06 -38.29 11.04
C ILE A 319 41.17 -39.26 11.42
N VAL A 320 41.23 -39.58 12.72
CA VAL A 320 42.22 -40.52 13.22
C VAL A 320 41.53 -41.70 13.89
N THR A 321 41.64 -42.88 13.27
CA THR A 321 41.00 -44.07 13.79
C THR A 321 42.02 -45.06 14.34
N PHE A 322 41.58 -45.89 15.28
CA PHE A 322 42.45 -46.90 15.88
C PHE A 322 41.81 -48.29 15.82
N PRO A 323 42.63 -49.31 15.55
CA PRO A 323 42.17 -50.71 15.49
C PRO A 323 41.78 -51.22 16.88
N MET A 324 40.65 -51.92 16.97
CA MET A 324 40.20 -52.46 18.24
C MET A 324 40.27 -53.98 18.24
N SER A 325 40.40 -54.56 19.43
CA SER A 325 40.52 -56.01 19.58
C SER A 325 39.41 -56.75 18.83
N PRO A 326 39.75 -57.91 18.25
CA PRO A 326 38.78 -58.74 17.52
C PRO A 326 37.58 -59.11 18.39
N GLY A 327 37.81 -59.24 19.70
CA GLY A 327 36.74 -59.56 20.62
C GLY A 327 35.75 -58.42 20.76
N ILE A 328 36.20 -57.21 20.45
CA ILE A 328 35.35 -56.03 20.53
C ILE A 328 34.45 -55.92 19.30
N TYR A 329 35.06 -55.99 18.12
CA TYR A 329 34.32 -55.91 16.86
C TYR A 329 33.22 -56.95 16.81
N SER A 330 33.53 -58.17 17.22
CA SER A 330 32.57 -59.26 17.20
C SER A 330 31.33 -58.92 18.03
N CYS A 331 31.55 -58.24 19.15
CA CYS A 331 30.47 -57.87 20.04
C CYS A 331 29.57 -56.78 19.46
N LEU A 332 30.20 -55.73 18.94
CA LEU A 332 29.46 -54.58 18.43
C LEU A 332 28.59 -54.92 17.23
N ASN A 333 28.85 -56.08 16.61
CA ASN A 333 28.03 -56.54 15.50
C ASN A 333 26.79 -57.30 15.98
N GLY A 334 26.85 -57.82 17.20
CA GLY A 334 25.73 -58.53 17.78
C GLY A 334 26.15 -59.67 18.69
N ASN A 335 27.34 -60.21 18.45
CA ASN A 335 27.85 -61.31 19.24
C ASN A 335 28.22 -60.89 20.66
N THR A 336 27.21 -60.76 21.51
CA THR A 336 27.42 -60.33 22.89
C THR A 336 28.34 -61.28 23.65
N SER A 337 28.40 -62.53 23.20
CA SER A 337 29.21 -63.54 23.86
C SER A 337 30.70 -63.31 23.63
N ALA A 338 31.04 -62.23 22.94
CA ALA A 338 32.43 -61.96 22.59
C ALA A 338 33.05 -60.86 23.45
N CYS A 339 32.20 -60.06 24.08
CA CYS A 339 32.68 -58.96 24.91
C CYS A 339 33.37 -59.43 26.18
N MET A 340 34.47 -58.78 26.52
CA MET A 340 35.20 -59.09 27.74
C MET A 340 34.80 -58.12 28.85
N TYR A 341 34.81 -58.59 30.09
CA TYR A 341 34.45 -57.76 31.22
C TYR A 341 35.61 -57.61 32.18
N SER A 342 35.52 -56.63 33.09
CA SER A 342 36.56 -56.40 34.07
C SER A 342 36.02 -55.65 35.28
N LYS A 343 36.68 -55.80 36.42
CA LYS A 343 36.26 -55.13 37.64
C LYS A 343 36.91 -53.76 37.80
N THR A 344 37.13 -53.08 36.68
CA THR A 344 37.69 -51.74 36.70
C THR A 344 36.67 -50.75 37.25
N GLU A 345 36.58 -50.67 38.57
CA GLU A 345 35.56 -49.86 39.21
C GLU A 345 35.79 -49.72 40.71
N GLY A 346 35.25 -48.65 41.29
CA GLY A 346 35.34 -48.40 42.72
C GLY A 346 34.00 -48.60 43.41
N ALA A 347 33.96 -48.33 44.70
CA ALA A 347 32.74 -48.53 45.49
C ALA A 347 31.78 -47.34 45.38
N LEU A 348 32.31 -46.19 44.99
CA LEU A 348 31.51 -44.98 44.88
C LEU A 348 30.97 -44.76 43.47
N THR A 349 31.25 -45.71 42.58
CA THR A 349 30.76 -45.62 41.20
C THR A 349 29.25 -45.82 41.16
N THR A 350 28.58 -45.08 40.29
CA THR A 350 27.13 -45.14 40.18
C THR A 350 26.68 -46.27 39.27
N PRO A 351 25.59 -46.95 39.66
CA PRO A 351 25.00 -48.05 38.88
C PRO A 351 24.02 -47.54 37.84
N TYR A 352 24.11 -46.26 37.49
CA TYR A 352 23.22 -45.68 36.50
C TYR A 352 23.88 -44.55 35.72
N MET A 353 23.09 -43.88 34.88
CA MET A 353 23.59 -42.74 34.11
C MET A 353 22.42 -41.98 33.47
N THR A 354 22.72 -40.80 32.92
CA THR A 354 21.72 -39.99 32.26
C THR A 354 21.87 -40.02 30.75
N LEU A 355 20.77 -40.14 30.03
CA LEU A 355 20.78 -40.14 28.58
C LEU A 355 19.52 -39.52 27.98
N LYS A 356 19.67 -38.32 27.42
CA LYS A 356 18.57 -37.64 26.75
C LYS A 356 17.36 -37.48 27.66
N GLY A 357 17.59 -36.97 28.86
CA GLY A 357 16.52 -36.73 29.81
C GLY A 357 15.97 -38.02 30.42
N SER A 358 16.72 -39.10 30.25
CA SER A 358 16.33 -40.39 30.81
C SER A 358 17.41 -40.93 31.72
N VAL A 359 17.08 -42.00 32.46
CA VAL A 359 18.04 -42.63 33.35
C VAL A 359 18.17 -44.12 33.06
N ILE A 360 19.34 -44.53 32.59
CA ILE A 360 19.61 -45.93 32.31
C ILE A 360 20.32 -46.57 33.49
N ALA A 361 19.63 -47.43 34.21
CA ALA A 361 20.16 -48.01 35.44
C ALA A 361 20.03 -49.53 35.47
N ASN A 362 20.91 -50.17 36.25
CA ASN A 362 20.84 -51.60 36.49
C ASN A 362 19.93 -51.89 37.68
N CYS A 363 18.68 -52.20 37.40
CA CYS A 363 17.66 -52.35 38.44
C CYS A 363 17.71 -53.69 39.17
N LYS A 364 18.79 -54.44 38.97
CA LYS A 364 19.01 -55.67 39.73
C LYS A 364 20.13 -55.47 40.74
N MET A 365 20.87 -54.38 40.57
CA MET A 365 21.95 -54.03 41.50
C MET A 365 21.51 -52.83 42.33
N THR A 366 20.34 -52.28 41.99
CA THR A 366 19.78 -51.14 42.69
C THR A 366 18.27 -51.12 42.56
N THR A 367 17.58 -50.98 43.69
CA THR A 367 16.12 -50.94 43.70
C THR A 367 15.60 -49.64 43.07
N CYS A 368 15.01 -49.76 41.88
CA CYS A 368 14.48 -48.61 41.17
C CYS A 368 13.03 -48.33 41.58
N ARG A 369 12.86 -47.36 42.47
CA ARG A 369 11.52 -47.01 42.96
C ARG A 369 10.87 -45.91 42.14
N CYS A 370 9.80 -46.27 41.42
CA CYS A 370 9.06 -45.29 40.63
C CYS A 370 8.04 -44.59 41.51
N ALA A 371 8.19 -43.27 41.66
CA ALA A 371 7.33 -42.49 42.55
C ALA A 371 5.94 -42.24 41.98
N ASP A 372 5.85 -41.36 40.98
CA ASP A 372 4.56 -40.97 40.43
C ASP A 372 3.67 -42.18 40.11
N PRO A 373 4.18 -43.13 39.30
CA PRO A 373 3.48 -44.40 39.12
C PRO A 373 4.07 -45.46 40.05
N PRO A 374 3.47 -45.63 41.24
CA PRO A 374 3.99 -46.51 42.29
C PRO A 374 4.36 -47.90 41.77
N GLY A 375 5.40 -48.50 42.35
CA GLY A 375 5.85 -49.81 41.95
C GLY A 375 7.34 -49.87 41.68
N ILE A 376 7.91 -51.07 41.82
CA ILE A 376 9.34 -51.26 41.55
C ILE A 376 9.56 -51.60 40.07
N ILE A 377 10.66 -51.09 39.52
CA ILE A 377 10.94 -51.26 38.10
C ILE A 377 11.98 -52.36 37.84
N SER A 378 11.75 -53.12 36.78
CA SER A 378 12.69 -54.17 36.38
C SER A 378 12.53 -54.45 34.89
N GLN A 379 13.36 -55.35 34.36
CA GLN A 379 13.32 -55.68 32.94
C GLN A 379 13.66 -57.15 32.70
N ASN A 380 13.13 -57.70 31.60
CA ASN A 380 13.41 -59.09 31.23
C ASN A 380 14.91 -59.36 31.20
N TYR A 381 15.28 -60.62 31.43
CA TYR A 381 16.68 -61.01 31.46
C TYR A 381 17.37 -60.67 30.14
N GLY A 382 16.59 -60.61 29.06
CA GLY A 382 17.12 -60.29 27.76
C GLY A 382 17.89 -58.98 27.76
N GLU A 383 17.50 -58.07 28.65
CA GLU A 383 18.18 -56.79 28.80
C GLU A 383 18.76 -56.67 30.20
N ALA A 384 20.09 -56.71 30.29
CA ALA A 384 20.78 -56.65 31.58
C ALA A 384 20.58 -55.31 32.26
N VAL A 385 20.22 -54.29 31.48
CA VAL A 385 20.03 -52.94 32.02
C VAL A 385 18.66 -52.39 31.67
N SER A 386 18.04 -51.71 32.62
CA SER A 386 16.71 -51.14 32.41
C SER A 386 16.78 -49.67 31.98
N LEU A 387 15.92 -49.30 31.02
CA LEU A 387 15.84 -47.92 30.57
C LEU A 387 14.56 -47.26 31.08
N ILE A 388 14.72 -46.26 31.94
CA ILE A 388 13.58 -45.56 32.51
C ILE A 388 13.45 -44.15 31.95
N ASP A 389 12.33 -43.89 31.27
CA ASP A 389 12.09 -42.59 30.66
C ASP A 389 10.72 -42.02 31.07
N ARG A 390 10.25 -41.03 30.32
CA ARG A 390 8.98 -40.37 30.61
C ARG A 390 7.80 -41.27 30.27
N HIS A 391 8.03 -42.23 29.38
CA HIS A 391 6.95 -43.10 28.89
C HIS A 391 6.59 -44.20 29.89
N SER A 392 7.35 -44.31 30.98
CA SER A 392 7.11 -45.36 31.95
C SER A 392 7.21 -44.86 33.39
N CYS A 393 7.70 -43.64 33.56
CA CYS A 393 7.83 -43.06 34.90
C CYS A 393 8.08 -41.56 34.85
N ASN A 394 7.48 -40.84 35.79
CA ASN A 394 7.64 -39.39 35.86
C ASN A 394 8.59 -38.96 36.97
N VAL A 395 8.63 -39.74 38.05
CA VAL A 395 9.55 -39.46 39.16
C VAL A 395 10.20 -40.75 39.64
N LEU A 396 11.53 -40.74 39.70
CA LEU A 396 12.28 -41.93 40.10
C LEU A 396 13.19 -41.65 41.29
N SER A 397 13.39 -42.65 42.13
CA SER A 397 14.31 -42.54 43.26
C SER A 397 15.27 -43.71 43.30
N LEU A 398 16.54 -43.44 42.97
CA LEU A 398 17.57 -44.46 42.96
C LEU A 398 18.35 -44.44 44.27
N ASP A 399 19.38 -45.29 44.37
CA ASP A 399 20.21 -45.35 45.57
C ASP A 399 21.02 -44.07 45.75
N GLY A 400 20.47 -43.15 46.54
CA GLY A 400 21.14 -41.90 46.84
C GLY A 400 20.36 -40.67 46.44
N ILE A 401 19.99 -40.59 45.16
CA ILE A 401 19.31 -39.42 44.64
C ILE A 401 17.90 -39.72 44.16
N THR A 402 17.14 -38.67 43.89
CA THR A 402 15.78 -38.80 43.38
C THR A 402 15.57 -37.88 42.18
N LEU A 403 15.73 -38.43 40.97
CA LEU A 403 15.60 -37.65 39.75
C LEU A 403 14.15 -37.55 39.29
N ARG A 404 13.81 -36.43 38.65
CA ARG A 404 12.47 -36.22 38.14
C ARG A 404 12.47 -36.32 36.61
N LEU A 405 11.87 -37.38 36.09
CA LEU A 405 11.94 -37.69 34.66
C LEU A 405 10.82 -37.06 33.84
N SER A 406 10.20 -36.01 34.37
CA SER A 406 9.12 -35.34 33.67
C SER A 406 8.84 -33.95 34.23
N GLY A 407 8.31 -33.06 33.38
CA GLY A 407 7.99 -31.72 33.79
C GLY A 407 7.56 -30.84 32.62
N GLU A 408 6.67 -29.89 32.90
CA GLU A 408 6.18 -28.98 31.86
C GLU A 408 6.04 -27.57 32.42
N PHE A 409 6.58 -26.59 31.69
CA PHE A 409 6.50 -25.20 32.12
C PHE A 409 6.13 -24.27 30.97
N ASP A 410 4.86 -23.86 30.94
CA ASP A 410 4.39 -22.95 29.90
C ASP A 410 4.16 -21.55 30.47
N ALA A 411 4.82 -20.56 29.87
CA ALA A 411 4.68 -19.18 30.30
C ALA A 411 4.47 -18.27 29.09
N THR A 412 3.97 -17.06 29.34
CA THR A 412 3.73 -16.10 28.27
C THR A 412 4.40 -14.77 28.58
N TYR A 413 5.13 -14.24 27.60
CA TYR A 413 5.79 -12.95 27.76
C TYR A 413 5.10 -11.88 26.91
N GLN A 414 4.45 -10.93 27.57
CA GLN A 414 3.73 -9.87 26.87
C GLN A 414 3.89 -8.53 27.58
N LYS A 415 3.22 -7.50 27.06
CA LYS A 415 3.29 -6.16 27.63
C LYS A 415 1.99 -5.39 27.43
N ASN A 416 1.43 -4.90 28.53
CA ASN A 416 0.20 -4.13 28.47
C ASN A 416 0.48 -2.63 28.36
N ILE A 417 0.24 -2.07 27.18
CA ILE A 417 0.49 -0.64 26.95
C ILE A 417 -0.72 0.22 27.31
N SER A 418 -0.50 1.19 28.18
CA SER A 418 -1.56 2.12 28.58
C SER A 418 -1.14 3.57 28.34
N ILE A 419 -1.90 4.26 27.52
CA ILE A 419 -1.60 5.65 27.18
C ILE A 419 -2.39 6.62 28.07
N LEU A 420 -1.75 7.73 28.43
CA LEU A 420 -2.39 8.74 29.28
C LEU A 420 -3.10 9.79 28.43
N ASP A 421 -4.24 10.27 28.93
CA ASP A 421 -5.03 11.27 28.22
C ASP A 421 -4.72 12.68 28.73
N SER A 422 -3.70 13.31 28.17
CA SER A 422 -3.32 14.66 28.57
C SER A 422 -4.31 15.69 28.02
N GLN A 423 -5.21 16.13 28.88
CA GLN A 423 -6.22 17.13 28.49
C GLN A 423 -5.57 18.41 28.00
N VAL A 424 -5.73 18.69 26.71
CA VAL A 424 -5.18 19.90 26.11
C VAL A 424 -6.03 21.11 26.46
N ILE A 425 -5.41 22.12 27.05
CA ILE A 425 -6.13 23.32 27.48
C ILE A 425 -6.67 24.09 26.28
N VAL A 426 -6.03 23.92 25.13
CA VAL A 426 -6.46 24.59 23.91
C VAL A 426 -7.87 24.16 23.50
N THR A 427 -8.79 25.11 23.47
CA THR A 427 -10.17 24.83 23.09
C THR A 427 -10.76 25.96 22.25
N GLY A 428 -11.67 25.60 21.35
CA GLY A 428 -12.37 26.58 20.54
C GLY A 428 -13.74 26.88 21.12
N ASN A 429 -13.77 27.56 22.26
CA ASN A 429 -15.02 27.87 22.94
C ASN A 429 -15.29 29.38 23.06
N LEU A 430 -15.15 30.08 21.94
CA LEU A 430 -15.41 31.51 21.91
C LEU A 430 -16.85 31.78 21.48
N ASP A 431 -17.67 32.24 22.40
CA ASP A 431 -19.08 32.51 22.11
C ASP A 431 -19.38 34.00 22.15
N ILE A 432 -19.10 34.68 21.05
CA ILE A 432 -19.38 36.11 20.94
C ILE A 432 -20.62 36.35 20.08
N SER A 433 -21.54 35.38 20.09
CA SER A 433 -22.76 35.48 19.32
C SER A 433 -23.81 36.33 20.04
N THR A 434 -23.78 36.30 21.37
CA THR A 434 -24.71 37.09 22.17
C THR A 434 -24.52 38.58 21.89
N GLU A 435 -23.27 38.97 21.68
CA GLU A 435 -22.94 40.36 21.36
C GLU A 435 -23.11 40.62 19.87
N LEU A 436 -22.70 39.64 19.07
CA LEU A 436 -22.81 39.75 17.61
C LEU A 436 -24.27 39.89 17.19
N GLY A 437 -25.14 39.09 17.79
CA GLY A 437 -26.56 39.13 17.48
C GLY A 437 -27.20 40.46 17.85
N ASN A 438 -26.81 40.98 19.02
CA ASN A 438 -27.33 42.26 19.48
C ASN A 438 -26.95 43.41 18.55
N VAL A 439 -26.02 43.15 17.65
CA VAL A 439 -25.62 44.13 16.65
C VAL A 439 -26.43 43.93 15.38
N ASN A 440 -26.49 42.68 14.90
CA ASN A 440 -27.27 42.35 13.72
C ASN A 440 -28.74 42.70 13.90
N ASN A 441 -29.14 42.85 15.16
CA ASN A 441 -30.52 43.21 15.49
C ASN A 441 -30.65 44.71 15.77
N SER A 442 -29.65 45.29 16.43
CA SER A 442 -29.66 46.71 16.75
C SER A 442 -29.56 47.55 15.48
N ILE A 443 -28.89 47.00 14.46
CA ILE A 443 -28.77 47.67 13.18
C ILE A 443 -30.14 47.78 12.50
N SER A 444 -30.97 46.76 12.68
CA SER A 444 -32.31 46.76 12.13
C SER A 444 -33.14 47.91 12.70
N ASN A 445 -33.06 48.09 14.01
CA ASN A 445 -33.79 49.17 14.68
C ASN A 445 -33.24 50.55 14.34
N ALA A 446 -31.98 50.60 13.92
CA ALA A 446 -31.35 51.86 13.52
C ALA A 446 -31.74 52.23 12.10
N LEU A 447 -32.08 51.22 11.31
CA LEU A 447 -32.46 51.43 9.91
C LEU A 447 -33.90 51.92 9.80
N ASP A 448 -34.77 51.39 10.65
CA ASP A 448 -36.18 51.77 10.62
C ASP A 448 -36.45 53.08 11.38
N LYS A 449 -35.64 53.34 12.40
CA LYS A 449 -35.72 54.60 13.13
C LYS A 449 -35.28 55.74 12.22
N LEU A 450 -34.50 55.38 11.21
CA LEU A 450 -34.04 56.34 10.21
C LEU A 450 -35.09 56.47 9.11
N GLU A 451 -35.80 55.36 8.84
CA GLU A 451 -36.85 55.35 7.83
C GLU A 451 -37.98 56.29 8.23
N GLU A 452 -38.31 56.31 9.52
CA GLU A 452 -39.33 57.22 10.04
C GLU A 452 -38.86 58.66 9.87
N SER A 453 -37.59 58.91 10.17
CA SER A 453 -36.99 60.23 9.99
C SER A 453 -37.09 60.68 8.54
N ASN A 454 -36.64 59.82 7.63
CA ASN A 454 -36.60 60.14 6.22
C ASN A 454 -38.00 60.22 5.61
N SER A 455 -38.98 59.65 6.30
CA SER A 455 -40.36 59.68 5.84
C SER A 455 -41.12 60.88 6.40
N LYS A 456 -40.57 61.48 7.45
CA LYS A 456 -41.17 62.66 8.05
C LYS A 456 -40.86 63.90 7.22
N LEU A 457 -39.98 63.73 6.24
CA LEU A 457 -39.61 64.81 5.33
C LEU A 457 -40.51 64.84 4.11
N ASP A 458 -41.14 63.70 3.82
CA ASP A 458 -42.06 63.60 2.68
C ASP A 458 -43.27 64.50 2.89
N LYS A 459 -43.43 64.98 4.13
CA LYS A 459 -44.56 65.85 4.46
C LYS A 459 -44.09 67.28 4.74
N VAL A 460 -43.24 67.80 3.85
CA VAL A 460 -42.73 69.16 3.99
C VAL A 460 -43.16 70.02 2.80
N ASN A 461 -43.76 71.18 3.12
CA ASN A 461 -44.22 72.09 2.07
C ASN A 461 -43.28 73.29 1.92
N VAL A 462 -43.39 73.98 0.79
CA VAL A 462 -42.56 75.15 0.51
C VAL A 462 -43.02 75.86 -0.75
N GLY B 3 -44.70 38.03 -6.91
CA GLY B 3 -45.64 37.36 -6.03
C GLY B 3 -46.43 36.27 -6.73
N ARG B 4 -47.68 36.08 -6.29
CA ARG B 4 -48.54 35.04 -6.84
C ARG B 4 -49.89 35.55 -7.35
N PRO B 5 -50.42 36.64 -6.75
CA PRO B 5 -51.72 37.15 -7.21
C PRO B 5 -51.67 37.73 -8.62
N LEU B 6 -50.48 37.93 -9.16
CA LEU B 6 -50.36 38.46 -10.51
C LEU B 6 -50.77 37.42 -11.54
N ALA B 7 -50.89 36.17 -11.10
CA ALA B 7 -51.33 35.09 -11.97
C ALA B 7 -52.84 35.08 -12.11
N ALA B 8 -53.48 36.14 -11.63
CA ALA B 8 -54.93 36.28 -11.72
C ALA B 8 -55.30 37.21 -12.88
N ALA B 9 -54.31 37.57 -13.68
CA ALA B 9 -54.52 38.43 -14.82
C ALA B 9 -53.88 37.86 -16.09
N GLY B 10 -53.47 36.59 -16.01
CA GLY B 10 -52.85 35.93 -17.14
C GLY B 10 -51.34 36.09 -17.15
N ILE B 11 -50.80 36.74 -16.12
CA ILE B 11 -49.37 36.96 -16.02
C ILE B 11 -48.72 35.89 -15.16
N VAL B 12 -47.76 35.16 -15.74
CA VAL B 12 -47.08 34.09 -15.00
C VAL B 12 -45.57 34.26 -15.01
N VAL B 13 -44.96 34.09 -13.84
CA VAL B 13 -43.50 34.17 -13.72
C VAL B 13 -42.87 32.88 -14.21
N THR B 14 -42.07 32.97 -15.26
CA THR B 14 -41.43 31.79 -15.84
C THR B 14 -40.01 31.61 -15.32
N GLY B 15 -39.27 32.70 -15.23
CA GLY B 15 -37.88 32.65 -14.81
C GLY B 15 -37.57 33.52 -13.61
N ASP B 16 -36.57 33.11 -12.84
CA ASP B 16 -36.13 33.87 -11.68
C ASP B 16 -34.66 33.56 -11.39
N LYS B 17 -33.78 34.46 -11.80
CA LYS B 17 -32.35 34.26 -11.65
C LYS B 17 -31.64 35.47 -11.07
N ALA B 18 -30.44 35.26 -10.54
CA ALA B 18 -29.65 36.34 -9.96
C ALA B 18 -28.89 37.11 -11.04
N VAL B 19 -28.56 38.36 -10.76
CA VAL B 19 -27.86 39.21 -11.70
C VAL B 19 -26.36 39.27 -11.40
N ASN B 20 -25.55 39.16 -12.43
CA ASN B 20 -24.10 39.16 -12.28
C ASN B 20 -23.39 40.03 -13.32
N ILE B 21 -22.26 40.61 -12.93
CA ILE B 21 -21.44 41.38 -13.87
C ILE B 21 -20.10 40.69 -14.04
N TYR B 22 -19.73 40.40 -15.28
CA TYR B 22 -18.51 39.64 -15.54
C TYR B 22 -17.56 40.36 -16.48
N THR B 23 -16.31 39.89 -16.50
CA THR B 23 -15.29 40.43 -17.40
C THR B 23 -14.20 39.39 -17.64
N SER B 24 -13.82 39.20 -18.90
CA SER B 24 -12.81 38.21 -19.25
C SER B 24 -11.40 38.75 -18.98
N SER B 25 -11.10 39.00 -17.71
CA SER B 25 -9.81 39.57 -17.32
C SER B 25 -8.98 38.61 -16.48
N GLN B 26 -9.02 37.33 -16.83
CA GLN B 26 -8.26 36.31 -16.11
C GLN B 26 -7.66 35.32 -17.10
N THR B 27 -6.33 35.33 -17.24
CA THR B 27 -5.67 34.46 -18.19
C THR B 27 -4.85 33.37 -17.52
N GLY B 28 -4.79 32.21 -18.14
CA GLY B 28 -4.02 31.08 -17.63
C GLY B 28 -3.32 30.33 -18.74
N SER B 29 -2.45 29.40 -18.37
CA SER B 29 -1.70 28.63 -19.35
C SER B 29 -1.44 27.21 -18.87
N ILE B 30 -2.25 26.26 -19.34
CA ILE B 30 -2.05 24.86 -19.02
C ILE B 30 -1.12 24.19 -20.01
N ILE B 31 0.01 23.69 -19.51
CA ILE B 31 0.98 23.01 -20.35
C ILE B 31 0.91 21.49 -20.15
N VAL B 32 0.47 20.79 -21.19
CA VAL B 32 0.24 19.34 -21.09
C VAL B 32 1.42 18.53 -21.62
N LYS B 33 1.91 17.60 -20.80
CA LYS B 33 2.99 16.72 -21.19
C LYS B 33 2.43 15.43 -21.79
N LEU B 34 2.34 15.38 -23.11
CA LEU B 34 1.78 14.23 -23.81
C LEU B 34 2.53 12.93 -23.47
N LEU B 35 3.85 13.03 -23.38
CA LEU B 35 4.67 11.88 -23.02
C LEU B 35 4.86 11.81 -21.51
N PRO B 36 4.31 10.76 -20.89
CA PRO B 36 4.36 10.55 -19.43
C PRO B 36 5.79 10.36 -18.93
N ASN B 37 5.97 10.41 -17.62
CA ASN B 37 7.28 10.23 -17.02
C ASN B 37 7.68 8.78 -16.91
N MET B 38 8.59 8.34 -17.77
CA MET B 38 9.05 6.96 -17.79
C MET B 38 9.86 6.61 -16.54
N PRO B 39 9.85 5.34 -16.14
CA PRO B 39 10.58 4.85 -14.97
C PRO B 39 12.06 5.24 -15.00
N LYS B 40 12.67 5.37 -13.83
CA LYS B 40 14.07 5.74 -13.74
C LYS B 40 14.98 4.65 -14.29
N ASP B 41 14.48 3.42 -14.30
CA ASP B 41 15.24 2.28 -14.81
C ASP B 41 15.64 2.52 -16.27
N LYS B 42 14.85 3.34 -16.96
CA LYS B 42 15.14 3.70 -18.34
C LYS B 42 15.35 2.49 -19.24
N GLU B 43 14.61 1.41 -18.96
CA GLU B 43 14.74 0.20 -19.75
C GLU B 43 14.17 0.39 -21.14
N ALA B 44 14.84 -0.18 -22.14
CA ALA B 44 14.38 -0.09 -23.52
C ALA B 44 13.42 -1.23 -23.83
N CYS B 45 12.76 -1.74 -22.79
CA CYS B 45 11.81 -2.83 -22.95
C CYS B 45 10.40 -2.29 -23.21
N ALA B 46 10.21 -1.02 -22.89
CA ALA B 46 8.94 -0.35 -23.14
C ALA B 46 9.04 0.53 -24.37
N LYS B 47 10.10 0.33 -25.15
CA LYS B 47 10.35 1.12 -26.35
C LYS B 47 9.37 0.76 -27.46
N ALA B 48 8.68 -0.37 -27.30
CA ALA B 48 7.73 -0.84 -28.30
C ALA B 48 6.36 -0.16 -28.19
N PRO B 49 5.74 -0.20 -26.99
CA PRO B 49 4.44 0.43 -26.82
C PRO B 49 4.52 1.94 -27.03
N LEU B 50 5.61 2.54 -26.59
CA LEU B 50 5.79 3.99 -26.68
C LEU B 50 6.03 4.43 -28.13
N GLU B 51 6.78 3.63 -28.88
CA GLU B 51 7.08 3.93 -30.27
C GLU B 51 5.79 4.15 -31.05
N ALA B 52 4.77 3.35 -30.74
CA ALA B 52 3.49 3.44 -31.42
C ALA B 52 2.63 4.56 -30.83
N TYR B 53 2.71 4.74 -29.52
CA TYR B 53 1.96 5.79 -28.84
C TYR B 53 2.39 7.18 -29.32
N ASN B 54 3.70 7.41 -29.33
CA ASN B 54 4.24 8.68 -29.82
C ASN B 54 3.89 8.92 -31.27
N ARG B 55 3.70 7.84 -32.01
CA ARG B 55 3.38 7.92 -33.44
C ARG B 55 1.93 8.31 -33.68
N THR B 56 1.03 7.84 -32.82
CA THR B 56 -0.39 8.17 -32.94
C THR B 56 -0.68 9.56 -32.39
N LEU B 57 0.30 10.13 -31.69
CA LEU B 57 0.18 11.50 -31.20
C LEU B 57 0.45 12.50 -32.31
N THR B 58 1.49 12.24 -33.09
CA THR B 58 1.82 13.08 -34.24
C THR B 58 0.73 12.98 -35.30
N THR B 59 0.08 11.82 -35.37
CA THR B 59 -1.00 11.59 -36.32
C THR B 59 -2.29 12.25 -35.84
N LEU B 60 -2.28 12.72 -34.60
CA LEU B 60 -3.48 13.25 -33.97
C LEU B 60 -3.34 14.74 -33.64
N LEU B 61 -2.11 15.21 -33.53
CA LEU B 61 -1.86 16.59 -33.09
C LEU B 61 -1.35 17.49 -34.22
N THR B 62 -0.69 16.90 -35.21
CA THR B 62 -0.15 17.67 -36.33
C THR B 62 -1.19 18.58 -36.98
N PRO B 63 -2.39 18.05 -37.27
CA PRO B 63 -3.45 18.90 -37.82
C PRO B 63 -3.76 20.09 -36.93
N LEU B 64 -3.78 19.87 -35.61
CA LEU B 64 -4.02 20.94 -34.65
C LEU B 64 -2.89 21.97 -34.68
N GLY B 65 -1.65 21.49 -34.60
CA GLY B 65 -0.49 22.36 -34.65
C GLY B 65 -0.38 23.08 -35.98
N ASP B 66 -0.89 22.45 -37.04
CA ASP B 66 -0.88 23.05 -38.37
C ASP B 66 -1.76 24.30 -38.42
N SER B 67 -2.94 24.21 -37.82
CA SER B 67 -3.89 25.32 -37.82
C SER B 67 -3.48 26.40 -36.81
N ILE B 68 -2.26 26.31 -36.31
CA ILE B 68 -1.73 27.32 -35.40
C ILE B 68 -0.45 27.92 -35.97
N ARG B 69 0.37 27.06 -36.57
CA ARG B 69 1.62 27.49 -37.19
C ARG B 69 1.35 28.46 -38.34
N ARG B 70 0.15 28.40 -38.90
CA ARG B 70 -0.22 29.26 -40.01
C ARG B 70 -1.31 30.25 -39.64
N ILE B 71 -1.42 30.56 -38.35
CA ILE B 71 -2.36 31.56 -37.88
C ILE B 71 -1.72 32.53 -36.89
N ASN B 114 51.47 -78.17 -20.69
CA ASN B 114 50.58 -79.28 -20.34
C ASN B 114 49.15 -79.05 -20.83
N GLN B 115 48.22 -79.84 -20.30
CA GLN B 115 46.82 -79.72 -20.66
C GLN B 115 46.17 -78.55 -19.93
N ASN B 116 46.52 -78.39 -18.66
CA ASN B 116 45.99 -77.29 -17.86
C ASN B 116 46.67 -75.98 -18.21
N ALA B 117 47.82 -76.08 -18.89
CA ALA B 117 48.55 -74.90 -19.32
C ALA B 117 47.71 -74.12 -20.33
N ALA B 118 46.86 -74.83 -21.05
CA ALA B 118 45.95 -74.21 -22.01
C ALA B 118 44.81 -73.51 -21.28
N ASN B 119 44.60 -73.89 -20.02
CA ASN B 119 43.57 -73.29 -19.19
C ASN B 119 44.05 -71.99 -18.56
N ILE B 120 45.29 -71.99 -18.11
CA ILE B 120 45.88 -70.78 -17.54
C ILE B 120 46.02 -69.69 -18.59
N LEU B 121 46.06 -70.12 -19.86
CA LEU B 121 46.12 -69.18 -20.97
C LEU B 121 44.73 -68.80 -21.43
N ARG B 122 43.79 -69.74 -21.33
CA ARG B 122 42.40 -69.49 -21.69
C ARG B 122 41.78 -68.50 -20.72
N LEU B 123 42.20 -68.56 -19.45
CA LEU B 123 41.72 -67.62 -18.44
C LEU B 123 42.26 -66.22 -18.72
N LYS B 124 43.49 -66.14 -19.22
CA LYS B 124 44.07 -64.86 -19.59
C LYS B 124 43.27 -64.20 -20.71
N GLU B 125 42.98 -64.97 -21.75
CA GLU B 125 42.22 -64.45 -22.89
C GLU B 125 40.77 -64.20 -22.53
N SER B 126 40.38 -64.62 -21.33
CA SER B 126 39.02 -64.41 -20.85
C SER B 126 38.89 -63.09 -20.10
N ILE B 127 39.90 -62.75 -19.32
CA ILE B 127 39.89 -61.51 -18.55
C ILE B 127 40.52 -60.35 -19.32
N THR B 128 41.36 -60.67 -20.29
CA THR B 128 41.94 -59.65 -21.15
C THR B 128 40.88 -59.16 -22.14
N ALA B 129 39.86 -60.00 -22.33
CA ALA B 129 38.73 -59.65 -23.18
C ALA B 129 37.60 -59.06 -22.34
N THR B 130 37.57 -59.43 -21.06
CA THR B 130 36.60 -58.87 -20.14
C THR B 130 36.92 -57.39 -19.87
N ASN B 131 38.20 -57.11 -19.66
CA ASN B 131 38.66 -55.73 -19.52
C ASN B 131 38.43 -54.95 -20.80
N GLU B 132 38.47 -55.67 -21.92
CA GLU B 132 38.19 -55.07 -23.22
C GLU B 132 36.74 -54.60 -23.29
N ALA B 133 35.88 -55.28 -22.54
CA ALA B 133 34.46 -54.95 -22.52
C ALA B 133 34.14 -53.89 -21.47
N VAL B 134 35.06 -53.71 -20.51
CA VAL B 134 34.90 -52.71 -19.47
C VAL B 134 35.43 -51.36 -19.94
N HIS B 135 36.49 -51.38 -20.74
CA HIS B 135 37.09 -50.17 -21.26
C HIS B 135 36.12 -49.44 -22.20
N GLU B 136 35.25 -50.20 -22.85
CA GLU B 136 34.27 -49.62 -23.77
C GLU B 136 33.10 -49.01 -23.00
N VAL B 137 32.65 -49.71 -21.97
CA VAL B 137 31.59 -49.20 -21.11
C VAL B 137 32.03 -47.89 -20.47
N THR B 138 33.34 -47.76 -20.26
CA THR B 138 33.92 -46.54 -19.71
C THR B 138 33.84 -45.39 -20.72
N ASP B 139 34.11 -45.71 -21.99
CA ASP B 139 34.03 -44.72 -23.06
C ASP B 139 32.59 -44.26 -23.29
N GLY B 140 31.66 -45.21 -23.15
CA GLY B 140 30.25 -44.92 -23.30
C GLY B 140 29.73 -44.04 -22.17
N LEU B 141 30.37 -44.16 -21.02
CA LEU B 141 29.99 -43.36 -19.85
C LEU B 141 30.67 -42.00 -19.88
N SER B 142 31.94 -41.97 -20.28
CA SER B 142 32.70 -40.73 -20.33
C SER B 142 32.25 -39.84 -21.47
N GLN B 143 31.40 -40.37 -22.33
CA GLN B 143 30.86 -39.58 -23.45
C GLN B 143 29.39 -39.26 -23.21
N LEU B 144 28.73 -40.08 -22.40
CA LEU B 144 27.34 -39.82 -22.03
C LEU B 144 27.31 -38.77 -20.93
N ALA B 145 28.33 -38.77 -20.07
CA ALA B 145 28.44 -37.78 -19.01
C ALA B 145 28.67 -36.39 -19.62
N VAL B 146 29.12 -36.37 -20.86
CA VAL B 146 29.30 -35.13 -21.61
C VAL B 146 27.98 -34.72 -22.24
N ALA B 147 27.24 -35.70 -22.75
CA ALA B 147 25.95 -35.43 -23.36
C ALA B 147 24.95 -34.89 -22.34
N VAL B 148 25.15 -35.26 -21.08
CA VAL B 148 24.31 -34.77 -19.99
C VAL B 148 24.79 -33.42 -19.49
N GLY B 149 26.11 -33.27 -19.39
CA GLY B 149 26.70 -32.01 -18.98
C GLY B 149 26.43 -30.92 -19.99
N LYS B 150 26.45 -31.28 -21.27
CA LYS B 150 26.18 -30.34 -22.34
C LYS B 150 24.71 -29.93 -22.34
N MET B 151 23.85 -30.86 -21.93
CA MET B 151 22.42 -30.60 -21.84
C MET B 151 22.08 -29.80 -20.58
N GLN B 152 23.00 -29.80 -19.62
CA GLN B 152 22.82 -29.02 -18.40
C GLN B 152 22.82 -27.53 -18.71
N GLN B 153 23.92 -27.04 -19.26
CA GLN B 153 24.06 -25.62 -19.55
C GLN B 153 23.18 -25.19 -20.72
N PHE B 154 22.52 -26.16 -21.36
CA PHE B 154 21.58 -25.85 -22.43
C PHE B 154 20.24 -25.41 -21.87
N VAL B 155 19.52 -26.35 -21.25
CA VAL B 155 18.24 -26.04 -20.62
C VAL B 155 18.41 -24.94 -19.58
N ASN B 156 19.61 -24.83 -19.03
CA ASN B 156 19.92 -23.77 -18.08
C ASN B 156 19.99 -22.41 -18.77
N ASP B 157 20.64 -22.39 -19.94
CA ASP B 157 20.74 -21.16 -20.72
C ASP B 157 19.54 -20.99 -21.64
N GLN B 158 18.49 -21.76 -21.39
CA GLN B 158 17.25 -21.64 -22.14
C GLN B 158 16.10 -21.25 -21.21
N PHE B 159 16.17 -21.69 -19.96
CA PHE B 159 15.24 -21.23 -18.94
C PHE B 159 15.68 -19.86 -18.43
N ASN B 160 16.98 -19.69 -18.26
CA ASN B 160 17.55 -18.40 -17.90
C ASN B 160 17.43 -17.44 -19.08
N ASN B 161 17.25 -18.01 -20.26
CA ASN B 161 17.04 -17.24 -21.48
C ASN B 161 15.58 -16.85 -21.62
N THR B 162 14.73 -17.51 -20.82
CA THR B 162 13.30 -17.22 -20.81
C THR B 162 12.96 -16.33 -19.62
N ALA B 163 13.77 -16.41 -18.58
CA ALA B 163 13.58 -15.60 -17.39
C ALA B 163 13.68 -14.11 -17.72
N GLN B 164 14.41 -13.79 -18.79
CA GLN B 164 14.56 -12.42 -19.24
C GLN B 164 13.57 -12.09 -20.36
N GLU B 165 12.94 -13.13 -20.90
CA GLU B 165 11.91 -12.95 -21.91
C GLU B 165 10.58 -12.56 -21.28
N LEU B 166 10.08 -13.44 -20.41
CA LEU B 166 8.83 -13.19 -19.69
C LEU B 166 8.91 -11.89 -18.90
N ASP B 167 10.10 -11.60 -18.37
CA ASP B 167 10.31 -10.37 -17.62
C ASP B 167 10.01 -9.14 -18.47
N CYS B 168 10.39 -9.21 -19.74
CA CYS B 168 10.17 -8.09 -20.66
C CYS B 168 8.70 -7.96 -21.06
N ILE B 169 8.05 -9.09 -21.31
CA ILE B 169 6.65 -9.10 -21.71
C ILE B 169 5.77 -8.44 -20.65
N LYS B 170 6.03 -8.75 -19.38
CA LYS B 170 5.27 -8.18 -18.27
C LYS B 170 5.43 -6.66 -18.21
N ILE B 171 6.65 -6.19 -18.45
CA ILE B 171 6.92 -4.76 -18.48
C ILE B 171 6.21 -4.11 -19.67
N THR B 172 6.43 -4.67 -20.86
CA THR B 172 5.80 -4.17 -22.07
C THR B 172 4.27 -4.13 -21.94
N GLN B 173 3.72 -5.18 -21.34
CA GLN B 173 2.28 -5.27 -21.13
C GLN B 173 1.78 -4.12 -20.26
N GLN B 174 2.35 -3.98 -19.07
CA GLN B 174 1.94 -2.94 -18.14
C GLN B 174 2.02 -1.56 -18.81
N VAL B 175 3.13 -1.30 -19.49
CA VAL B 175 3.32 -0.03 -20.18
C VAL B 175 2.28 0.19 -21.28
N GLY B 176 2.04 -0.85 -22.07
CA GLY B 176 1.08 -0.77 -23.15
C GLY B 176 -0.31 -0.36 -22.68
N VAL B 177 -0.72 -0.90 -21.53
CA VAL B 177 -2.02 -0.58 -20.96
C VAL B 177 -2.02 0.79 -20.30
N GLU B 178 -0.99 1.04 -19.49
CA GLU B 178 -0.87 2.31 -18.78
C GLU B 178 -0.78 3.49 -19.75
N LEU B 179 -0.20 3.24 -20.91
CA LEU B 179 0.01 4.29 -21.90
C LEU B 179 -1.27 4.57 -22.70
N ASN B 180 -2.05 3.52 -22.92
CA ASN B 180 -3.35 3.65 -23.59
C ASN B 180 -4.33 4.43 -22.73
N LEU B 181 -4.29 4.19 -21.42
CA LEU B 181 -5.16 4.88 -20.48
C LEU B 181 -4.95 6.39 -20.53
N TYR B 182 -3.72 6.81 -20.82
CA TYR B 182 -3.38 8.22 -20.84
C TYR B 182 -3.90 8.91 -22.09
N LEU B 183 -3.81 8.23 -23.23
CA LEU B 183 -4.27 8.78 -24.49
C LEU B 183 -5.80 8.90 -24.51
N THR B 184 -6.46 7.95 -23.86
CA THR B 184 -7.92 7.97 -23.76
C THR B 184 -8.34 8.91 -22.63
N GLU B 185 -7.36 9.42 -21.89
CA GLU B 185 -7.61 10.35 -20.80
C GLU B 185 -7.48 11.80 -21.27
N LEU B 186 -6.54 12.03 -22.18
CA LEU B 186 -6.30 13.38 -22.70
C LEU B 186 -7.35 13.80 -23.72
N THR B 187 -7.79 12.85 -24.54
CA THR B 187 -8.82 13.13 -25.54
C THR B 187 -10.17 13.38 -24.86
N THR B 188 -10.19 13.25 -23.54
CA THR B 188 -11.40 13.49 -22.76
C THR B 188 -11.29 14.78 -21.96
N VAL B 189 -10.12 14.99 -21.36
CA VAL B 189 -9.88 16.19 -20.56
C VAL B 189 -9.60 17.41 -21.43
N PHE B 190 -8.83 17.19 -22.49
CA PHE B 190 -8.48 18.28 -23.41
C PHE B 190 -8.99 18.03 -24.82
N GLY B 191 -10.01 17.20 -24.93
CA GLY B 191 -10.63 16.92 -26.21
C GLY B 191 -11.04 18.18 -26.95
N PRO B 192 -11.89 19.00 -26.34
CA PRO B 192 -12.38 20.24 -26.94
C PRO B 192 -11.26 21.10 -27.53
N GLN B 193 -10.10 21.12 -26.87
CA GLN B 193 -8.97 21.92 -27.33
C GLN B 193 -8.22 21.25 -28.47
N ILE B 194 -8.13 19.92 -28.43
CA ILE B 194 -7.46 19.17 -29.48
C ILE B 194 -8.28 19.14 -30.77
N THR B 195 -9.60 19.17 -30.61
CA THR B 195 -10.52 19.03 -31.74
C THR B 195 -10.78 20.36 -32.45
N SER B 196 -10.38 21.46 -31.84
CA SER B 196 -10.63 22.78 -32.40
C SER B 196 -9.58 23.80 -31.97
N PRO B 197 -9.16 24.67 -32.91
CA PRO B 197 -8.18 25.72 -32.63
C PRO B 197 -8.80 26.89 -31.87
N ALA B 198 -9.98 27.33 -32.31
CA ALA B 198 -10.68 28.45 -31.68
C ALA B 198 -11.08 28.12 -30.25
N LEU B 199 -11.66 29.11 -29.57
CA LEU B 199 -12.06 28.95 -28.17
C LEU B 199 -13.07 27.82 -28.00
N THR B 200 -12.87 27.02 -26.97
CA THR B 200 -13.78 25.92 -26.65
C THR B 200 -13.95 25.79 -25.14
N GLN B 201 -15.18 25.51 -24.71
CA GLN B 201 -15.48 25.37 -23.30
C GLN B 201 -14.60 24.30 -22.65
N LEU B 202 -13.84 24.70 -21.64
CA LEU B 202 -12.93 23.80 -20.95
C LEU B 202 -13.64 22.61 -20.33
N THR B 203 -12.86 21.64 -19.87
CA THR B 203 -13.38 20.47 -19.18
C THR B 203 -13.17 20.63 -17.68
N ILE B 204 -14.09 20.08 -16.88
CA ILE B 204 -13.98 20.16 -15.43
C ILE B 204 -12.60 19.73 -14.99
N GLN B 205 -12.13 18.61 -15.54
CA GLN B 205 -10.80 18.10 -15.22
C GLN B 205 -9.71 19.12 -15.59
N ALA B 206 -9.85 19.72 -16.76
CA ALA B 206 -8.89 20.72 -17.22
C ALA B 206 -8.83 21.89 -16.25
N LEU B 207 -10.00 22.32 -15.78
CA LEU B 207 -10.08 23.41 -14.81
C LEU B 207 -9.61 22.96 -13.43
N TYR B 208 -9.99 21.75 -13.06
CA TYR B 208 -9.59 21.17 -11.78
C TYR B 208 -8.08 21.13 -11.67
N ASN B 209 -7.43 20.76 -12.77
CA ASN B 209 -5.97 20.72 -12.83
C ASN B 209 -5.38 22.13 -12.79
N LEU B 210 -6.09 23.09 -13.37
CA LEU B 210 -5.64 24.48 -13.39
C LEU B 210 -5.56 25.04 -11.98
N ALA B 211 -6.58 24.79 -11.18
CA ALA B 211 -6.63 25.28 -9.81
C ALA B 211 -5.73 24.45 -8.90
N GLY B 212 -5.08 23.44 -9.46
CA GLY B 212 -4.20 22.58 -8.70
C GLY B 212 -4.93 21.79 -7.63
N GLY B 213 -6.23 21.59 -7.83
CA GLY B 213 -7.04 20.87 -6.86
C GLY B 213 -7.86 21.80 -6.00
N ASN B 214 -7.19 22.76 -5.37
CA ASN B 214 -7.86 23.72 -4.52
C ASN B 214 -8.84 24.58 -5.32
N MET B 215 -10.10 24.15 -5.35
CA MET B 215 -11.11 24.81 -6.16
C MET B 215 -11.71 26.01 -5.44
N ASP B 216 -11.99 25.85 -4.16
CA ASP B 216 -12.60 26.92 -3.36
C ASP B 216 -11.77 28.21 -3.40
N TYR B 217 -10.47 28.07 -3.66
CA TYR B 217 -9.60 29.23 -3.77
C TYR B 217 -9.74 29.90 -5.13
N LEU B 218 -9.80 29.09 -6.17
CA LEU B 218 -9.94 29.60 -7.53
C LEU B 218 -11.21 30.43 -7.69
N LEU B 219 -12.33 29.88 -7.22
CA LEU B 219 -13.62 30.56 -7.32
C LEU B 219 -13.61 31.90 -6.60
N THR B 220 -13.00 31.94 -5.41
CA THR B 220 -12.94 33.16 -4.62
C THR B 220 -12.21 34.28 -5.36
N LYS B 221 -11.17 33.91 -6.09
CA LYS B 221 -10.38 34.88 -6.85
C LYS B 221 -11.18 35.47 -8.01
N LEU B 222 -12.22 34.75 -8.43
CA LEU B 222 -13.06 35.18 -9.54
C LEU B 222 -14.37 35.78 -9.04
N GLY B 223 -14.68 35.53 -7.77
CA GLY B 223 -15.91 36.02 -7.19
C GLY B 223 -17.09 35.11 -7.49
N VAL B 224 -16.85 33.80 -7.42
CA VAL B 224 -17.88 32.81 -7.71
C VAL B 224 -18.19 31.96 -6.49
N GLY B 225 -19.47 31.82 -6.15
CA GLY B 225 -19.88 31.00 -5.03
C GLY B 225 -19.89 29.53 -5.37
N ASN B 226 -20.00 28.68 -4.36
CA ASN B 226 -20.02 27.25 -4.57
C ASN B 226 -21.24 26.79 -5.39
N ASN B 227 -22.42 27.29 -5.03
CA ASN B 227 -23.64 26.94 -5.74
C ASN B 227 -23.85 27.80 -6.98
N GLN B 228 -22.78 28.01 -7.73
CA GLN B 228 -22.84 28.86 -8.91
C GLN B 228 -21.87 28.37 -9.99
N LEU B 229 -21.18 27.27 -9.69
CA LEU B 229 -20.20 26.70 -10.62
C LEU B 229 -20.87 26.02 -11.79
N SER B 230 -21.96 25.31 -11.52
CA SER B 230 -22.71 24.61 -12.57
C SER B 230 -23.10 25.54 -13.70
N SER B 231 -23.53 26.75 -13.35
CA SER B 231 -23.95 27.73 -14.35
C SER B 231 -22.74 28.47 -14.92
N LEU B 232 -21.71 28.61 -14.12
CA LEU B 232 -20.49 29.32 -14.54
C LEU B 232 -19.81 28.61 -15.71
N ILE B 233 -19.70 27.29 -15.62
CA ILE B 233 -19.06 26.51 -16.67
C ILE B 233 -19.98 26.40 -17.89
N GLY B 234 -21.28 26.31 -17.63
CA GLY B 234 -22.25 26.21 -18.71
C GLY B 234 -22.67 27.56 -19.26
N SER B 235 -21.69 28.43 -19.46
CA SER B 235 -21.95 29.77 -20.00
C SER B 235 -20.96 30.09 -21.12
N GLY B 236 -19.92 29.27 -21.25
CA GLY B 236 -18.92 29.47 -22.28
C GLY B 236 -17.96 30.59 -21.94
N LEU B 237 -17.88 30.95 -20.67
CA LEU B 237 -16.95 31.97 -20.21
C LEU B 237 -15.65 31.32 -19.75
N ILE B 238 -15.67 30.00 -19.62
CA ILE B 238 -14.48 29.24 -19.26
C ILE B 238 -13.91 28.57 -20.49
N THR B 239 -13.37 29.37 -21.39
CA THR B 239 -12.87 28.86 -22.66
C THR B 239 -11.36 28.67 -22.66
N GLY B 240 -10.86 27.97 -23.67
CA GLY B 240 -9.42 27.73 -23.81
C GLY B 240 -9.07 27.40 -25.25
N ASN B 241 -7.85 27.74 -25.64
CA ASN B 241 -7.39 27.50 -27.00
C ASN B 241 -5.89 27.25 -27.08
N PRO B 242 -5.49 26.22 -27.84
CA PRO B 242 -4.08 25.88 -28.04
C PRO B 242 -3.28 27.07 -28.55
N ILE B 243 -2.03 27.18 -28.13
CA ILE B 243 -1.18 28.31 -28.52
C ILE B 243 0.16 27.86 -29.09
N LEU B 244 0.77 26.85 -28.48
CA LEU B 244 2.07 26.36 -28.92
C LEU B 244 2.18 24.85 -28.75
N TYR B 245 2.48 24.15 -29.84
CA TYR B 245 2.62 22.69 -29.83
C TYR B 245 3.95 22.26 -30.44
N ASP B 246 4.72 21.49 -29.68
CA ASP B 246 6.01 20.99 -30.14
C ASP B 246 5.90 19.54 -30.60
N SER B 247 6.25 19.29 -31.86
CA SER B 247 6.17 17.95 -32.43
C SER B 247 7.19 16.99 -31.81
N GLN B 248 8.35 17.53 -31.47
CA GLN B 248 9.43 16.71 -30.91
C GLN B 248 9.13 16.29 -29.47
N THR B 249 9.04 17.26 -28.57
CA THR B 249 8.81 16.99 -27.16
C THR B 249 7.41 16.45 -26.90
N GLN B 250 6.51 16.70 -27.84
CA GLN B 250 5.10 16.35 -27.65
C GLN B 250 4.55 17.10 -26.45
N LEU B 251 4.69 18.43 -26.48
CA LEU B 251 4.26 19.27 -25.37
C LEU B 251 3.23 20.28 -25.84
N LEU B 252 1.98 20.09 -25.42
CA LEU B 252 0.90 20.96 -25.84
C LEU B 252 0.71 22.14 -24.88
N GLY B 253 0.49 23.33 -25.44
CA GLY B 253 0.28 24.51 -24.64
C GLY B 253 -1.08 25.14 -24.92
N ILE B 254 -1.84 25.39 -23.86
CA ILE B 254 -3.18 25.95 -24.01
C ILE B 254 -3.35 27.25 -23.25
N GLN B 255 -4.01 28.22 -23.86
CA GLN B 255 -4.28 29.50 -23.22
C GLN B 255 -5.68 29.52 -22.62
N VAL B 256 -5.76 29.66 -21.31
CA VAL B 256 -7.04 29.67 -20.62
C VAL B 256 -7.52 31.10 -20.37
N THR B 257 -8.83 31.28 -20.43
CA THR B 257 -9.43 32.58 -20.15
C THR B 257 -10.62 32.43 -19.20
N LEU B 258 -10.51 33.04 -18.03
CA LEU B 258 -11.56 32.96 -17.01
C LEU B 258 -12.16 34.33 -16.74
N PRO B 259 -13.45 34.36 -16.35
CA PRO B 259 -14.16 35.61 -16.09
C PRO B 259 -14.08 36.03 -14.62
N SER B 260 -14.21 37.32 -14.37
CA SER B 260 -14.29 37.85 -13.01
C SER B 260 -15.68 38.40 -12.77
N VAL B 261 -16.47 37.68 -11.99
CA VAL B 261 -17.88 38.04 -11.79
C VAL B 261 -18.13 38.69 -10.42
N GLY B 262 -19.01 39.68 -10.42
CA GLY B 262 -19.40 40.36 -9.19
C GLY B 262 -20.91 40.27 -8.97
N ASN B 263 -21.30 39.41 -8.03
CA ASN B 263 -22.71 39.18 -7.74
C ASN B 263 -23.42 40.45 -7.27
N LEU B 264 -24.68 40.59 -7.66
CA LEU B 264 -25.49 41.72 -7.22
C LEU B 264 -26.70 41.24 -6.42
N ASN B 265 -26.68 41.52 -5.12
CA ASN B 265 -27.76 41.11 -4.23
C ASN B 265 -28.93 42.08 -4.24
N ASN B 266 -30.07 41.63 -3.73
CA ASN B 266 -31.29 42.43 -3.72
C ASN B 266 -31.80 42.71 -5.12
N MET B 267 -31.00 42.34 -6.12
CA MET B 267 -31.40 42.49 -7.52
C MET B 267 -31.55 41.14 -8.19
N ARG B 268 -32.77 40.81 -8.60
CA ARG B 268 -33.04 39.56 -9.29
C ARG B 268 -33.91 39.76 -10.53
N ALA B 269 -33.41 39.30 -11.67
CA ALA B 269 -34.17 39.39 -12.91
C ALA B 269 -35.29 38.37 -12.94
N THR B 270 -36.47 38.80 -13.40
CA THR B 270 -37.64 37.94 -13.46
C THR B 270 -38.25 37.93 -14.86
N TYR B 271 -38.39 36.74 -15.42
CA TYR B 271 -38.96 36.58 -16.76
C TYR B 271 -40.48 36.44 -16.69
N LEU B 272 -41.19 37.26 -17.48
CA LEU B 272 -42.63 37.29 -17.46
C LEU B 272 -43.26 37.05 -18.83
N GLU B 273 -44.24 36.14 -18.87
CA GLU B 273 -45.02 35.90 -20.08
C GLU B 273 -46.51 36.01 -19.75
N THR B 274 -47.33 36.15 -20.78
CA THR B 274 -48.76 36.37 -20.60
C THR B 274 -49.61 35.51 -21.52
N LEU B 275 -50.78 35.11 -21.03
CA LEU B 275 -51.74 34.37 -21.83
C LEU B 275 -52.99 35.22 -22.08
N SER B 276 -53.95 34.65 -22.80
CA SER B 276 -55.18 35.37 -23.12
C SER B 276 -56.29 35.11 -22.11
N VAL B 277 -56.85 36.19 -21.57
CA VAL B 277 -57.95 36.10 -20.62
C VAL B 277 -59.02 37.14 -20.93
N SER B 278 -60.28 36.71 -20.87
CA SER B 278 -61.40 37.61 -21.13
C SER B 278 -61.44 38.75 -20.14
N THR B 279 -61.63 39.97 -20.65
CA THR B 279 -61.68 41.15 -19.80
C THR B 279 -62.79 42.10 -20.22
N THR B 280 -62.71 43.35 -19.75
CA THR B 280 -63.68 44.37 -20.11
C THR B 280 -63.84 44.44 -21.63
N LYS B 281 -62.71 44.37 -22.33
CA LYS B 281 -62.73 44.35 -23.80
C LYS B 281 -63.34 43.05 -24.28
N GLY B 282 -62.74 41.93 -23.88
CA GLY B 282 -63.20 40.61 -24.29
C GLY B 282 -62.12 39.85 -25.02
N PHE B 283 -61.64 38.77 -24.40
CA PHE B 283 -60.58 37.96 -24.98
C PHE B 283 -59.34 38.79 -25.30
N ALA B 284 -58.63 39.20 -24.26
CA ALA B 284 -57.43 40.02 -24.43
C ALA B 284 -56.25 39.45 -23.65
N SER B 285 -55.09 40.09 -23.78
CA SER B 285 -53.89 39.66 -23.07
C SER B 285 -53.28 40.80 -22.27
N ALA B 286 -52.76 40.49 -21.08
CA ALA B 286 -52.16 41.50 -20.22
C ALA B 286 -50.88 42.05 -20.83
N LEU B 287 -50.62 43.33 -20.59
CA LEU B 287 -49.44 43.99 -21.14
C LEU B 287 -48.33 44.16 -20.10
N VAL B 288 -47.32 43.31 -20.18
CA VAL B 288 -46.17 43.38 -19.28
C VAL B 288 -44.88 43.03 -20.01
N PRO B 289 -43.76 43.67 -19.63
CA PRO B 289 -42.44 43.41 -20.23
C PRO B 289 -42.04 41.94 -20.11
N LYS B 290 -40.98 41.55 -20.81
CA LYS B 290 -40.54 40.16 -20.80
C LYS B 290 -39.54 39.89 -19.68
N VAL B 291 -38.64 40.83 -19.44
CA VAL B 291 -37.65 40.69 -18.37
C VAL B 291 -37.57 41.96 -17.54
N VAL B 292 -37.65 41.80 -16.22
CA VAL B 292 -37.57 42.94 -15.30
C VAL B 292 -36.60 42.68 -14.15
N THR B 293 -35.98 43.75 -13.67
CA THR B 293 -35.06 43.66 -12.54
C THR B 293 -35.54 44.57 -11.41
N GLN B 294 -35.53 44.05 -10.19
CA GLN B 294 -36.03 44.80 -9.04
C GLN B 294 -34.96 45.03 -7.96
N VAL B 295 -34.93 46.24 -7.43
CA VAL B 295 -34.04 46.58 -6.32
C VAL B 295 -34.82 47.36 -5.27
N GLY B 296 -35.12 46.71 -4.16
CA GLY B 296 -35.90 47.33 -3.10
C GLY B 296 -37.32 47.62 -3.56
N SER B 297 -37.58 48.88 -3.88
CA SER B 297 -38.89 49.29 -4.35
C SER B 297 -38.81 49.88 -5.75
N VAL B 298 -37.71 49.59 -6.44
CA VAL B 298 -37.51 50.09 -7.79
C VAL B 298 -37.56 48.95 -8.81
N ILE B 299 -38.57 48.99 -9.68
CA ILE B 299 -38.74 47.96 -10.69
C ILE B 299 -38.67 48.55 -12.11
N GLU B 300 -37.78 48.01 -12.92
CA GLU B 300 -37.60 48.48 -14.29
C GLU B 300 -37.35 47.33 -15.26
N GLU B 301 -37.61 47.55 -16.53
CA GLU B 301 -37.39 46.52 -17.55
C GLU B 301 -35.89 46.32 -17.80
N LEU B 302 -35.49 45.06 -17.92
CA LEU B 302 -34.07 44.73 -18.10
C LEU B 302 -33.76 44.32 -19.53
N ASP B 303 -32.77 44.96 -20.13
CA ASP B 303 -32.30 44.60 -21.45
C ASP B 303 -31.31 43.44 -21.36
N THR B 304 -31.75 42.26 -21.77
CA THR B 304 -30.92 41.05 -21.66
C THR B 304 -30.05 40.81 -22.89
N SER B 305 -29.81 41.87 -23.66
CA SER B 305 -28.99 41.75 -24.86
C SER B 305 -27.50 41.76 -24.53
N TYR B 306 -27.15 42.38 -23.41
CA TYR B 306 -25.75 42.48 -22.99
C TYR B 306 -25.37 41.34 -22.04
N CYS B 307 -26.29 40.39 -21.85
CA CYS B 307 -26.09 39.36 -20.83
C CYS B 307 -26.21 37.94 -21.35
N ILE B 308 -25.47 37.03 -20.73
CA ILE B 308 -25.57 35.61 -21.00
C ILE B 308 -26.41 34.95 -19.91
N GLU B 309 -27.51 34.32 -20.30
CA GLU B 309 -28.42 33.73 -19.32
C GLU B 309 -28.17 32.24 -19.11
N THR B 310 -28.52 31.75 -17.92
CA THR B 310 -28.40 30.34 -17.60
C THR B 310 -29.68 29.84 -16.95
N ASP B 311 -29.59 28.77 -16.17
CA ASP B 311 -30.76 28.18 -15.53
C ASP B 311 -31.12 28.93 -14.26
N LEU B 312 -30.14 29.59 -13.65
CA LEU B 312 -30.37 30.32 -12.40
C LEU B 312 -29.40 31.48 -12.24
N ASP B 313 -28.63 31.78 -13.29
CA ASP B 313 -27.66 32.87 -13.22
C ASP B 313 -27.51 33.61 -14.54
N LEU B 314 -27.51 34.94 -14.48
CA LEU B 314 -27.30 35.78 -15.65
C LEU B 314 -26.00 36.56 -15.51
N TYR B 315 -25.03 36.26 -16.38
CA TYR B 315 -23.76 36.96 -16.38
C TYR B 315 -23.76 38.05 -17.45
N CYS B 316 -23.77 39.31 -17.01
CA CYS B 316 -23.94 40.43 -17.92
C CYS B 316 -22.68 41.28 -18.07
N THR B 317 -22.46 41.78 -19.29
CA THR B 317 -21.37 42.68 -19.59
C THR B 317 -21.72 44.08 -19.09
N ARG B 318 -23.01 44.34 -18.99
CA ARG B 318 -23.51 45.66 -18.64
C ARG B 318 -24.99 45.55 -18.23
N ILE B 319 -25.51 46.58 -17.59
CA ILE B 319 -26.91 46.60 -17.21
C ILE B 319 -27.64 47.82 -17.78
N VAL B 320 -28.62 47.56 -18.64
CA VAL B 320 -29.43 48.62 -19.23
C VAL B 320 -30.89 48.43 -18.89
N THR B 321 -31.42 49.33 -18.07
CA THR B 321 -32.81 49.26 -17.64
C THR B 321 -33.66 50.35 -18.27
N PHE B 322 -34.97 50.09 -18.39
CA PHE B 322 -35.89 51.05 -18.97
C PHE B 322 -37.09 51.27 -18.05
N PRO B 323 -37.55 52.53 -17.94
CA PRO B 323 -38.70 52.90 -17.13
C PRO B 323 -39.99 52.34 -17.73
N MET B 324 -40.85 51.79 -16.88
CA MET B 324 -42.12 51.24 -17.35
C MET B 324 -43.30 52.06 -16.83
N SER B 325 -44.41 52.02 -17.56
CA SER B 325 -45.60 52.79 -17.21
C SER B 325 -46.00 52.57 -15.75
N PRO B 326 -46.50 53.63 -15.10
CA PRO B 326 -46.95 53.58 -13.70
C PRO B 326 -48.02 52.52 -13.49
N GLY B 327 -48.82 52.27 -14.53
CA GLY B 327 -49.86 51.25 -14.46
C GLY B 327 -49.29 49.86 -14.42
N ILE B 328 -48.05 49.71 -14.89
CA ILE B 328 -47.38 48.42 -14.89
C ILE B 328 -46.78 48.11 -13.52
N TYR B 329 -46.01 49.06 -12.99
CA TYR B 329 -45.40 48.90 -11.68
C TYR B 329 -46.44 48.59 -10.61
N SER B 330 -47.55 49.31 -10.65
CA SER B 330 -48.63 49.10 -9.67
C SER B 330 -49.12 47.66 -9.69
N CYS B 331 -49.19 47.08 -10.88
CA CYS B 331 -49.68 45.71 -11.04
C CYS B 331 -48.70 44.68 -10.49
N LEU B 332 -47.43 44.83 -10.87
CA LEU B 332 -46.40 43.85 -10.50
C LEU B 332 -46.18 43.79 -8.98
N ASN B 333 -46.66 44.80 -8.26
CA ASN B 333 -46.57 44.81 -6.80
C ASN B 333 -47.73 44.04 -6.16
N GLY B 334 -48.83 43.91 -6.89
CA GLY B 334 -49.99 43.18 -6.41
C GLY B 334 -51.30 43.75 -6.89
N ASN B 335 -51.31 45.04 -7.21
CA ASN B 335 -52.51 45.71 -7.67
C ASN B 335 -52.91 45.27 -9.08
N THR B 336 -53.55 44.10 -9.17
CA THR B 336 -53.96 43.54 -10.44
C THR B 336 -54.93 44.45 -11.18
N SER B 337 -55.63 45.29 -10.43
CA SER B 337 -56.61 46.21 -11.02
C SER B 337 -55.95 47.34 -11.80
N ALA B 338 -54.62 47.31 -11.89
CA ALA B 338 -53.87 48.39 -12.53
C ALA B 338 -53.37 48.00 -13.92
N CYS B 339 -53.31 46.70 -14.18
CA CYS B 339 -52.82 46.21 -15.47
C CYS B 339 -53.77 46.52 -16.62
N MET B 340 -53.20 46.93 -17.74
CA MET B 340 -53.98 47.21 -18.94
C MET B 340 -53.95 46.00 -19.87
N TYR B 341 -55.04 45.79 -20.60
CA TYR B 341 -55.13 44.66 -21.53
C TYR B 341 -55.29 45.15 -22.96
N SER B 342 -55.08 44.26 -23.92
CA SER B 342 -55.22 44.59 -25.33
C SER B 342 -55.45 43.34 -26.17
N LYS B 343 -56.08 43.52 -27.33
CA LYS B 343 -56.37 42.39 -28.21
C LYS B 343 -55.24 42.16 -29.21
N THR B 344 -54.01 42.40 -28.76
CA THR B 344 -52.83 42.15 -29.60
C THR B 344 -52.63 40.65 -29.77
N GLU B 345 -53.34 40.06 -30.72
CA GLU B 345 -53.32 38.61 -30.89
C GLU B 345 -54.03 38.17 -32.16
N GLY B 346 -53.65 37.00 -32.66
CA GLY B 346 -54.27 36.42 -33.85
C GLY B 346 -55.13 35.22 -33.49
N ALA B 347 -55.68 34.58 -34.52
CA ALA B 347 -56.58 33.45 -34.30
C ALA B 347 -55.82 32.12 -34.11
N LEU B 348 -54.56 32.10 -34.56
CA LEU B 348 -53.74 30.91 -34.45
C LEU B 348 -52.88 30.89 -33.19
N THR B 349 -53.04 31.92 -32.36
CA THR B 349 -52.29 32.00 -31.11
C THR B 349 -52.78 30.94 -30.13
N THR B 350 -51.85 30.36 -29.38
CA THR B 350 -52.17 29.29 -28.45
C THR B 350 -52.64 29.85 -27.10
N PRO B 351 -53.65 29.19 -26.50
CA PRO B 351 -54.19 29.56 -25.19
C PRO B 351 -53.42 28.93 -24.05
N TYR B 352 -52.19 28.48 -24.31
CA TYR B 352 -51.37 27.85 -23.29
C TYR B 352 -49.89 28.09 -23.52
N MET B 353 -49.06 27.44 -22.71
CA MET B 353 -47.61 27.53 -22.83
C MET B 353 -46.92 26.48 -21.98
N THR B 354 -45.62 26.32 -22.19
CA THR B 354 -44.83 25.36 -21.42
C THR B 354 -43.93 26.06 -20.40
N LEU B 355 -43.87 25.51 -19.19
CA LEU B 355 -43.03 26.06 -18.14
C LEU B 355 -42.51 24.98 -17.21
N LYS B 356 -41.20 24.70 -17.32
CA LYS B 356 -40.54 23.74 -16.45
C LYS B 356 -41.23 22.37 -16.46
N GLY B 357 -41.47 21.86 -17.66
CA GLY B 357 -42.09 20.55 -17.81
C GLY B 357 -43.57 20.55 -17.47
N SER B 358 -44.15 21.75 -17.38
CA SER B 358 -45.56 21.88 -17.09
C SER B 358 -46.27 22.67 -18.19
N VAL B 359 -47.60 22.68 -18.14
CA VAL B 359 -48.38 23.43 -19.11
C VAL B 359 -49.35 24.39 -18.43
N ILE B 360 -49.12 25.67 -18.62
CA ILE B 360 -49.99 26.71 -18.05
C ILE B 360 -51.00 27.16 -19.10
N ALA B 361 -52.26 26.77 -18.91
CA ALA B 361 -53.29 27.03 -19.90
C ALA B 361 -54.53 27.69 -19.29
N ASN B 362 -55.27 28.41 -20.13
CA ASN B 362 -56.55 28.99 -19.73
C ASN B 362 -57.68 28.01 -19.97
N CYS B 363 -58.05 27.28 -18.92
CA CYS B 363 -59.01 26.19 -19.04
C CYS B 363 -60.48 26.63 -19.12
N LYS B 364 -60.68 27.92 -19.32
CA LYS B 364 -62.03 28.44 -19.55
C LYS B 364 -62.20 28.85 -21.00
N MET B 365 -61.08 28.94 -21.71
CA MET B 365 -61.08 29.26 -23.13
C MET B 365 -60.74 28.00 -23.93
N THR B 366 -60.38 26.95 -23.20
CA THR B 366 -60.03 25.66 -23.81
C THR B 366 -60.30 24.52 -22.85
N THR B 367 -61.00 23.49 -23.32
CA THR B 367 -61.31 22.34 -22.50
C THR B 367 -60.06 21.50 -22.21
N CYS B 368 -59.60 21.53 -20.97
CA CYS B 368 -58.41 20.80 -20.55
C CYS B 368 -58.77 19.38 -20.13
N ARG B 369 -58.57 18.42 -21.02
CA ARG B 369 -58.90 17.03 -20.73
C ARG B 369 -57.71 16.26 -20.16
N CYS B 370 -57.82 15.87 -18.90
CA CYS B 370 -56.78 15.10 -18.24
C CYS B 370 -56.98 13.61 -18.55
N ALA B 371 -56.00 13.02 -19.22
CA ALA B 371 -56.11 11.63 -19.66
C ALA B 371 -55.91 10.61 -18.54
N ASP B 372 -54.66 10.46 -18.09
CA ASP B 372 -54.33 9.47 -17.07
C ASP B 372 -55.31 9.50 -15.89
N PRO B 373 -55.46 10.67 -15.25
CA PRO B 373 -56.51 10.84 -14.25
C PRO B 373 -57.74 11.49 -14.87
N PRO B 374 -58.71 10.68 -15.32
CA PRO B 374 -59.87 11.14 -16.06
C PRO B 374 -60.57 12.33 -15.40
N GLY B 375 -61.12 13.23 -16.20
CA GLY B 375 -61.83 14.38 -15.69
C GLY B 375 -61.37 15.68 -16.34
N ILE B 376 -62.24 16.68 -16.33
CA ILE B 376 -61.91 17.99 -16.88
C ILE B 376 -61.26 18.87 -15.82
N ILE B 377 -60.29 19.68 -16.23
CA ILE B 377 -59.54 20.51 -15.30
C ILE B 377 -60.00 21.97 -15.31
N SER B 378 -60.04 22.57 -14.13
CA SER B 378 -60.40 23.97 -13.99
C SER B 378 -59.80 24.54 -12.71
N GLN B 379 -60.00 25.84 -12.48
CA GLN B 379 -59.45 26.49 -11.30
C GLN B 379 -60.37 27.59 -10.79
N ASN B 380 -60.29 27.86 -9.49
CA ASN B 380 -61.09 28.91 -8.87
C ASN B 380 -60.94 30.24 -9.60
N TYR B 381 -61.97 31.07 -9.53
CA TYR B 381 -61.96 32.36 -10.22
C TYR B 381 -60.77 33.21 -9.78
N GLY B 382 -60.29 32.96 -8.57
CA GLY B 382 -59.14 33.69 -8.04
C GLY B 382 -57.95 33.63 -8.97
N GLU B 383 -57.85 32.54 -9.72
CA GLU B 383 -56.78 32.36 -10.69
C GLU B 383 -57.35 32.24 -12.10
N ALA B 384 -57.13 33.27 -12.92
CA ALA B 384 -57.66 33.30 -14.27
C ALA B 384 -57.06 32.21 -15.15
N VAL B 385 -55.90 31.70 -14.75
CA VAL B 385 -55.20 30.68 -15.52
C VAL B 385 -54.87 29.46 -14.67
N SER B 386 -55.05 28.28 -15.26
CA SER B 386 -54.79 27.03 -14.55
C SER B 386 -53.39 26.51 -14.81
N LEU B 387 -52.74 26.00 -13.76
CA LEU B 387 -51.42 25.40 -13.88
C LEU B 387 -51.51 23.89 -13.75
N ILE B 388 -51.17 23.18 -14.83
CA ILE B 388 -51.23 21.73 -14.84
C ILE B 388 -49.83 21.13 -14.87
N ASP B 389 -49.50 20.36 -13.84
CA ASP B 389 -48.19 19.74 -13.73
C ASP B 389 -48.30 18.25 -13.44
N ARG B 390 -47.21 17.65 -12.99
CA ARG B 390 -47.17 16.22 -12.70
C ARG B 390 -47.94 15.86 -11.45
N HIS B 391 -48.12 16.85 -10.58
CA HIS B 391 -48.76 16.64 -9.28
C HIS B 391 -50.29 16.55 -9.39
N SER B 392 -50.82 16.79 -10.58
CA SER B 392 -52.27 16.78 -10.77
C SER B 392 -52.68 16.07 -12.05
N CYS B 393 -51.71 15.78 -12.91
CA CYS B 393 -52.00 15.12 -14.18
C CYS B 393 -50.74 14.56 -14.82
N ASN B 394 -50.87 13.38 -15.43
CA ASN B 394 -49.74 12.74 -16.11
C ASN B 394 -49.83 12.87 -17.63
N VAL B 395 -51.05 12.89 -18.16
CA VAL B 395 -51.26 13.05 -19.59
C VAL B 395 -52.39 14.04 -19.85
N LEU B 396 -52.11 15.06 -20.66
CA LEU B 396 -53.10 16.10 -20.96
C LEU B 396 -53.35 16.24 -22.45
N SER B 397 -54.57 16.60 -22.81
CA SER B 397 -54.92 16.83 -24.21
C SER B 397 -55.63 18.17 -24.37
N LEU B 398 -54.93 19.13 -24.96
CA LEU B 398 -55.49 20.46 -25.18
C LEU B 398 -56.04 20.59 -26.60
N ASP B 399 -56.52 21.77 -26.94
CA ASP B 399 -57.07 22.02 -28.27
C ASP B 399 -55.99 21.93 -29.34
N GLY B 400 -55.86 20.75 -29.94
CA GLY B 400 -54.90 20.53 -31.00
C GLY B 400 -53.89 19.44 -30.71
N ILE B 401 -53.18 19.58 -29.60
CA ILE B 401 -52.10 18.66 -29.25
C ILE B 401 -52.40 17.89 -27.98
N THR B 402 -51.60 16.85 -27.72
CA THR B 402 -51.72 16.05 -26.51
C THR B 402 -50.36 15.86 -25.86
N LEU B 403 -50.06 16.70 -24.88
CA LEU B 403 -48.77 16.65 -24.19
C LEU B 403 -48.77 15.64 -23.05
N ARG B 404 -47.60 15.05 -22.80
CA ARG B 404 -47.45 14.07 -21.72
C ARG B 404 -46.65 14.69 -20.59
N LEU B 405 -47.31 14.96 -19.46
CA LEU B 405 -46.71 15.68 -18.35
C LEU B 405 -46.01 14.78 -17.34
N SER B 406 -45.64 13.58 -17.75
CA SER B 406 -44.96 12.65 -16.85
C SER B 406 -44.26 11.52 -17.61
N GLY B 407 -43.21 10.98 -17.01
CA GLY B 407 -42.46 9.90 -17.62
C GLY B 407 -41.20 9.55 -16.84
N GLU B 408 -40.83 8.28 -16.87
CA GLU B 408 -39.63 7.82 -16.17
C GLU B 408 -38.89 6.78 -17.00
N PHE B 409 -37.59 6.97 -17.16
CA PHE B 409 -36.76 6.06 -17.93
C PHE B 409 -35.46 5.72 -17.21
N ASP B 410 -35.41 4.53 -16.60
CA ASP B 410 -34.21 4.07 -15.92
C ASP B 410 -33.51 2.98 -16.70
N ALA B 411 -32.23 3.21 -17.02
CA ALA B 411 -31.42 2.24 -17.75
C ALA B 411 -30.07 2.06 -17.09
N THR B 412 -29.39 0.97 -17.42
CA THR B 412 -28.08 0.69 -16.86
C THR B 412 -27.05 0.43 -17.95
N TYR B 413 -25.90 1.08 -17.85
CA TYR B 413 -24.83 0.90 -18.82
C TYR B 413 -23.67 0.13 -18.20
N GLN B 414 -23.45 -1.10 -18.65
CA GLN B 414 -22.40 -1.94 -18.11
C GLN B 414 -21.72 -2.75 -19.21
N LYS B 415 -20.77 -3.60 -18.81
CA LYS B 415 -20.04 -4.44 -19.77
C LYS B 415 -19.63 -5.77 -19.15
N ASN B 416 -20.02 -6.86 -19.80
CA ASN B 416 -19.67 -8.19 -19.34
C ASN B 416 -18.37 -8.69 -19.97
N ILE B 417 -17.30 -8.72 -19.18
CA ILE B 417 -16.00 -9.17 -19.68
C ILE B 417 -15.81 -10.67 -19.55
N SER B 418 -15.50 -11.32 -20.68
CA SER B 418 -15.27 -12.77 -20.69
C SER B 418 -13.90 -13.08 -21.29
N ILE B 419 -13.05 -13.72 -20.50
CA ILE B 419 -11.70 -14.08 -20.94
C ILE B 419 -11.64 -15.50 -21.49
N LEU B 420 -10.84 -15.70 -22.52
CA LEU B 420 -10.68 -17.01 -23.13
C LEU B 420 -9.55 -17.80 -22.49
N ASP B 421 -9.72 -19.10 -22.37
CA ASP B 421 -8.71 -19.96 -21.77
C ASP B 421 -7.84 -20.63 -22.83
N SER B 422 -6.78 -19.94 -23.25
CA SER B 422 -5.87 -20.47 -24.25
C SER B 422 -4.98 -21.56 -23.66
N GLN B 423 -5.34 -22.82 -23.93
CA GLN B 423 -4.57 -23.96 -23.43
C GLN B 423 -3.13 -23.93 -23.91
N VAL B 424 -2.21 -23.71 -22.97
CA VAL B 424 -0.79 -23.68 -23.31
C VAL B 424 -0.24 -25.09 -23.51
N ILE B 425 0.34 -25.33 -24.67
CA ILE B 425 0.87 -26.65 -25.01
C ILE B 425 2.04 -27.03 -24.10
N VAL B 426 2.72 -26.02 -23.57
CA VAL B 426 3.85 -26.24 -22.68
C VAL B 426 3.43 -26.97 -21.41
N THR B 427 3.97 -28.17 -21.20
CA THR B 427 3.65 -28.96 -20.02
C THR B 427 4.87 -29.69 -19.48
N GLY B 428 4.90 -29.89 -18.17
CA GLY B 428 5.97 -30.63 -17.54
C GLY B 428 5.55 -32.07 -17.27
N ASN B 429 5.41 -32.85 -18.33
CA ASN B 429 4.97 -34.23 -18.21
C ASN B 429 6.01 -35.24 -18.70
N LEU B 430 7.25 -35.08 -18.22
CA LEU B 430 8.32 -36.00 -18.58
C LEU B 430 8.44 -37.10 -17.52
N ASP B 431 8.07 -38.31 -17.89
CA ASP B 431 8.12 -39.44 -16.96
C ASP B 431 9.19 -40.45 -17.36
N ILE B 432 10.43 -40.16 -16.97
CA ILE B 432 11.54 -41.07 -17.25
C ILE B 432 11.93 -41.85 -16.00
N SER B 433 10.96 -42.07 -15.12
CA SER B 433 11.21 -42.81 -13.88
C SER B 433 11.20 -44.31 -14.11
N THR B 434 10.41 -44.76 -15.09
CA THR B 434 10.35 -46.17 -15.42
C THR B 434 11.72 -46.68 -15.88
N GLU B 435 12.44 -45.82 -16.58
CA GLU B 435 13.78 -46.15 -17.05
C GLU B 435 14.80 -45.87 -15.97
N LEU B 436 14.61 -44.76 -15.25
CA LEU B 436 15.51 -44.37 -14.17
C LEU B 436 15.53 -45.42 -13.07
N GLY B 437 14.36 -45.92 -12.71
CA GLY B 437 14.23 -46.93 -11.68
C GLY B 437 14.89 -48.25 -12.07
N ASN B 438 14.72 -48.64 -13.33
CA ASN B 438 15.33 -49.86 -13.84
C ASN B 438 16.85 -49.80 -13.79
N VAL B 439 17.39 -48.60 -13.60
CA VAL B 439 18.83 -48.43 -13.45
C VAL B 439 19.22 -48.49 -11.98
N ASN B 440 18.50 -47.74 -11.15
CA ASN B 440 18.74 -47.74 -9.71
C ASN B 440 18.58 -49.13 -9.13
N ASN B 441 17.86 -49.98 -9.85
CA ASN B 441 17.64 -51.37 -9.43
C ASN B 441 18.61 -52.34 -10.11
N SER B 442 18.91 -52.08 -11.38
CA SER B 442 19.84 -52.92 -12.14
C SER B 442 21.26 -52.80 -11.58
N ILE B 443 21.57 -51.64 -11.02
CA ILE B 443 22.87 -51.40 -10.39
C ILE B 443 23.03 -52.28 -9.15
N SER B 444 21.93 -52.48 -8.44
CA SER B 444 21.93 -53.32 -7.25
C SER B 444 22.31 -54.76 -7.61
N ASN B 445 21.71 -55.27 -8.67
CA ASN B 445 22.00 -56.63 -9.14
C ASN B 445 23.40 -56.78 -9.70
N ALA B 446 23.97 -55.67 -10.15
CA ALA B 446 25.33 -55.67 -10.68
C ALA B 446 26.35 -55.64 -9.56
N LEU B 447 25.94 -55.10 -8.42
CA LEU B 447 26.83 -55.00 -7.27
C LEU B 447 26.94 -56.32 -6.52
N ASP B 448 25.83 -57.05 -6.44
CA ASP B 448 25.82 -58.33 -5.75
C ASP B 448 26.34 -59.47 -6.62
N LYS B 449 26.14 -59.35 -7.93
CA LYS B 449 26.67 -60.32 -8.88
C LYS B 449 28.19 -60.22 -8.88
N LEU B 450 28.69 -59.06 -8.46
CA LEU B 450 30.12 -58.82 -8.36
C LEU B 450 30.60 -59.30 -6.99
N GLU B 451 29.75 -59.19 -5.98
CA GLU B 451 30.08 -59.64 -4.65
C GLU B 451 30.30 -61.14 -4.61
N GLU B 452 29.51 -61.88 -5.38
CA GLU B 452 29.68 -63.33 -5.50
C GLU B 452 31.01 -63.63 -6.17
N SER B 453 31.32 -62.87 -7.21
CA SER B 453 32.60 -63.01 -7.91
C SER B 453 33.77 -62.78 -6.97
N ASN B 454 33.73 -61.66 -6.25
CA ASN B 454 34.81 -61.27 -5.36
C ASN B 454 34.90 -62.18 -4.14
N SER B 455 33.82 -62.92 -3.87
CA SER B 455 33.78 -63.84 -2.74
C SER B 455 34.21 -65.24 -3.15
N LYS B 456 34.21 -65.51 -4.46
CA LYS B 456 34.64 -66.80 -4.98
C LYS B 456 36.17 -66.87 -5.00
N LEU B 457 36.81 -65.74 -4.73
CA LEU B 457 38.27 -65.66 -4.69
C LEU B 457 38.78 -65.93 -3.28
N ASP B 458 37.91 -65.74 -2.29
CA ASP B 458 38.27 -65.99 -0.90
C ASP B 458 38.58 -67.47 -0.68
N LYS B 459 38.20 -68.29 -1.65
CA LYS B 459 38.41 -69.73 -1.57
C LYS B 459 39.48 -70.19 -2.56
N VAL B 460 40.60 -69.47 -2.60
CA VAL B 460 41.70 -69.81 -3.49
C VAL B 460 42.96 -70.14 -2.70
N ASN B 461 43.54 -71.30 -3.00
CA ASN B 461 44.76 -71.75 -2.31
C ASN B 461 46.00 -71.57 -3.18
N VAL B 462 47.17 -71.59 -2.55
CA VAL B 462 48.43 -71.43 -3.26
C VAL B 462 49.62 -71.69 -2.34
C1 NAG C . 28.75 12.04 14.43
C2 NAG C . 29.10 12.88 13.21
C3 NAG C . 30.61 13.11 13.08
C4 NAG C . 31.24 13.50 14.42
C5 NAG C . 30.74 12.61 15.56
C6 NAG C . 31.25 13.09 16.90
C7 NAG C . 27.73 12.83 11.20
C8 NAG C . 27.86 12.54 9.74
N2 NAG C . 28.61 12.24 12.00
O3 NAG C . 30.81 14.13 12.13
O4 NAG C . 32.65 13.39 14.34
O5 NAG C . 29.32 12.59 15.59
O6 NAG C . 32.64 12.94 16.96
O7 NAG C . 26.82 13.55 11.63
C1 NAG C . 33.20 14.54 13.66
C2 NAG C . 34.50 14.98 14.35
C3 NAG C . 35.29 16.03 13.56
C4 NAG C . 35.30 15.72 12.06
C5 NAG C . 33.89 15.43 11.59
C6 NAG C . 33.84 15.18 10.08
C7 NAG C . 35.15 15.55 16.62
C8 NAG C . 35.38 16.88 17.27
N2 NAG C . 34.22 15.51 15.67
O3 NAG C . 36.61 16.07 14.04
O4 NAG C . 35.81 16.83 11.35
O5 NAG C . 33.41 14.29 12.28
O6 NAG C . 32.52 14.92 9.70
O7 NAG C . 35.80 14.57 16.95
C1 NAG D . -2.07 -7.57 30.94
C2 NAG D . -2.06 -8.27 32.30
C3 NAG D . -2.81 -9.59 32.31
C4 NAG D . -4.08 -9.57 31.46
C5 NAG D . -3.88 -8.81 30.15
C6 NAG D . -5.19 -8.67 29.40
C7 NAG D . -0.22 -8.11 33.90
C8 NAG D . 0.39 -9.17 34.76
N2 NAG D . -0.69 -8.51 32.71
O3 NAG D . -3.13 -9.89 33.66
O4 NAG D . -4.48 -10.89 31.15
O5 NAG D . -3.37 -7.52 30.42
O6 NAG D . -6.13 -7.96 30.17
O7 NAG D . -0.30 -6.95 34.29
C1 NAG D . -4.94 -11.57 32.33
C2 NAG D . -6.46 -11.79 32.26
C3 NAG D . -6.97 -12.56 33.47
C4 NAG D . -6.11 -13.79 33.72
C5 NAG D . -4.63 -13.42 33.76
C6 NAG D . -3.77 -14.64 33.99
C7 NAG D . -7.94 -10.26 31.09
C8 NAG D . -9.18 -9.45 31.36
N2 NAG D . -7.15 -10.52 32.14
O3 NAG D . -8.30 -12.95 33.25
O4 NAG D . -6.47 -14.37 34.96
O5 NAG D . -4.27 -12.79 32.54
O6 NAG D . -2.42 -14.25 34.04
O7 NAG D . -7.69 -10.65 29.96
C1 NAG E . 7.88 11.17 -31.36
C2 NAG E . 9.35 11.39 -31.02
C3 NAG E . 9.93 12.62 -31.74
C4 NAG E . 9.50 12.68 -33.20
C5 NAG E . 8.01 12.41 -33.36
C6 NAG E . 7.61 12.36 -34.83
C7 NAG E . 10.16 10.67 -28.85
C8 NAG E . 11.24 11.23 -27.96
N2 NAG E . 9.50 11.55 -29.59
O3 NAG E . 11.33 12.58 -31.65
O4 NAG E . 9.79 13.96 -33.73
O5 NAG E . 7.67 11.18 -32.75
O6 NAG E . 8.25 11.26 -35.45
O7 NAG E . 9.94 9.46 -28.87
C1 NAG E . 11.16 14.00 -34.19
C2 NAG E . 11.20 14.53 -35.62
C3 NAG E . 12.61 14.85 -36.11
C4 NAG E . 13.43 15.55 -35.05
C5 NAG E . 13.34 14.78 -33.75
C6 NAG E . 14.21 15.41 -32.67
C7 NAG E . 9.71 13.95 -37.44
C8 NAG E . 10.05 13.64 -38.86
N2 NAG E . 10.58 13.57 -36.52
O3 NAG E . 12.51 15.67 -37.26
O4 NAG E . 14.78 15.63 -35.47
O5 NAG E . 12.00 14.75 -33.32
O6 NAG E . 14.10 14.66 -31.48
O7 NAG E . 8.66 14.54 -37.16
C1 NAG F . -24.36 -8.97 -18.70
C2 NAG F . -25.79 -9.16 -19.21
C3 NAG F . -26.58 -10.17 -18.39
C4 NAG F . -26.52 -9.87 -16.89
C5 NAG F . -25.38 -8.90 -16.58
C6 NAG F . -25.03 -8.89 -15.10
C7 NAG F . -26.83 -7.33 -20.42
C8 NAG F . -28.28 -7.00 -20.61
N2 NAG F . -26.48 -7.88 -19.26
O3 NAG F . -26.08 -11.47 -18.62
O4 NAG F . -27.73 -9.33 -16.43
O5 NAG F . -24.25 -9.30 -17.33
O6 NAG F . -24.62 -10.19 -14.70
O7 NAG F . -26.01 -7.08 -21.30
C1 NAG F . -28.86 -10.07 -16.94
C2 NAG F . -29.12 -11.33 -16.11
C3 NAG F . -30.36 -12.08 -16.59
C4 NAG F . -31.54 -11.12 -16.70
C5 NAG F . -31.15 -9.91 -17.55
C6 NAG F . -32.30 -8.91 -17.63
C7 NAG F . -27.43 -12.66 -14.99
C8 NAG F . -27.42 -11.69 -13.84
N2 NAG F . -27.99 -12.24 -16.12
O3 NAG F . -30.68 -13.10 -15.67
O4 NAG F . -32.62 -11.78 -17.31
O5 NAG F . -30.02 -9.27 -16.99
O6 NAG F . -31.89 -7.78 -18.35
O7 NAG F . -26.94 -13.78 -14.85
C1 NDG G . -27.35 38.72 10.66
C2 NDG G . -27.95 38.30 9.32
C3 NDG G . -28.13 36.79 9.21
C4 NDG G . -26.89 36.05 9.69
C5 NDG G . -26.45 36.58 11.05
C6 NDG G . -25.21 35.84 11.54
C7 NDG G . -29.47 39.67 8.02
C8 NDG G . -30.23 38.98 6.92
O5 NDG G . -26.21 37.96 10.98
O3 NDG G . -28.41 36.44 7.87
O4 NDG G . -27.16 34.67 9.77
O6 NDG G . -24.23 35.88 10.53
O7 NDG G . -29.11 40.84 7.88
N2 NDG G . -29.23 38.96 9.12
C1 NDG H . 17.68 -44.85 -6.11
C2 NDG H . 18.15 -44.73 -4.66
C3 NDG H . 17.00 -44.34 -3.73
C4 NDG H . 16.21 -43.17 -4.31
C5 NDG H . 15.80 -43.46 -5.75
C6 NDG H . 15.01 -42.30 -6.34
C7 NDG H . 19.97 -46.04 -3.74
C8 NDG H . 20.12 -46.11 -2.25
O5 NDG H . 16.96 -43.71 -6.52
O3 NDG H . 17.52 -43.97 -2.47
O4 NDG H . 15.06 -42.95 -3.52
O6 NDG H . 15.70 -41.10 -6.11
O7 NDG H . 20.96 -46.06 -4.46
N2 NDG H . 18.73 -45.98 -4.21
#